data_4NGN
#
_entry.id   4NGN
#
_cell.length_a   101.343
_cell.length_b   130.020
_cell.length_c   158.787
_cell.angle_alpha   90.000
_cell.angle_beta   90.000
_cell.angle_gamma   90.000
#
_symmetry.space_group_name_H-M   'I 2 2 2'
#
loop_
_entity.id
_entity.type
_entity.pdbx_description
1 polymer 'Glutamate carboxypeptidase 2'
2 branched 2-acetamido-2-deoxy-beta-D-glucopyranose-(1-4)-2-acetamido-2-deoxy-beta-D-glucopyranose
3 branched beta-D-mannopyranose-(1-4)-2-acetamido-2-deoxy-beta-D-glucopyranose-(1-4)-2-acetamido-2-deoxy-beta-D-glucopyranose
4 branched alpha-D-mannopyranose-(1-3)-beta-D-mannopyranose-(1-4)-2-acetamido-2-deoxy-beta-D-glucopyranose-(1-4)-2-acetamido-2-deoxy-beta-D-glucopyranose
5 non-polymer 2-acetamido-2-deoxy-beta-D-glucopyranose
6 non-polymer 'ZINC ION'
7 non-polymer 'CHLORIDE ION'
8 non-polymer 'CALCIUM ION'
9 non-polymer 'N-{[(1S)-1-carboxy-5-({[2-({4,44-dioxo-48-[(3aS,4S,6aR)-2-oxohexahydro-1H-thieno[3,4-d]imidazol-4-yl]-7,10,13,16,19,22,25,28,31,34,37,40-dodecaoxa-3,43-diazaoctatetracont-1-yl}oxy)phenyl]acetyl}amino)pentyl]carbamoyl}-L-glutamic acid'
10 water water
#
_entity_poly.entity_id   1
_entity_poly.type   'polypeptide(L)'
_entity_poly.pdbx_seq_one_letter_code
;RSGLNDIFEAQKIEWHEGSGSGSENLYFQGRSKSSNEATNITPKHNMKAFLDELKAENIKKFLYNFTQIPHLAGTEQNFQ
LAKQIQSQWKEFGLDSVELAHYDVLLSYPNKTHPNYISIINEDGNEIFNTSLFEPPPPGYENVSDIVPPFSAFSPQGMPE
GDLVYVNYARTEDFFKLERDMKINCSGKIVIARYGKVFRGNKVKNAQLAGAKGVILYSDPADYFAPGVKSYPDGWNLPGG
GVQRGNILNLNGAGDPLTPGYPANEYAYRRGIAEAVGLPSIPVHPIGYYDAQKLLEKMGGSAPPDSSWRGSLKVPYNVGP
GFTGNFSTQKVKMHIHSTNEVTRIYNVIGTLRGAVEPDRYVILGGHRDSWVFGGIDPQSGAAVVHEIVRSFGTLKKEGWR
PRRTILFASWDAEEFGLLGSTEWAEENSRLLQERGVAYINADSSIEGNYTLRVDCTPLMYSLVHNLTKELKSPDEGFEGK
SLYESWTKKSPSPEFSGMPRISKLGSGNDFEVFFQRLGIASGRARYTKNWETNKFSGYPLYHSVYETYELVEKFYDPMFK
YHLTVAQVRGGMVFELANSIVLPFDCRDYAVVLRKYADKIYSISMKHPQEMKTYSVSFDSLFSAVKNFTEIASKFSERLQ
DFDKSNPIVLRMMNDQLMFLERAFIDPLGLPDRPFYRHVIYAPSSHNKYAGESFPGIYDALFDIESKVDPSKAWGEVKRQ
IYVAAFTVQAAAETLSEVA
;
_entity_poly.pdbx_strand_id   A
#
loop_
_chem_comp.id
_chem_comp.type
_chem_comp.name
_chem_comp.formula
BMA D-saccharide, beta linking beta-D-mannopyranose 'C6 H12 O6'
CA non-polymer 'CALCIUM ION' 'Ca 2'
CL non-polymer 'CHLORIDE ION' 'Cl -1'
J96 non-polymer 'N-{[(1S)-1-carboxy-5-({[2-({4,44-dioxo-48-[(3aS,4S,6aR)-2-oxohexahydro-1H-thieno[3,4-d]imidazol-4-yl]-7,10,13,16,19,22,25,28,31,34,37,40-dodecaoxa-3,43-diazaoctatetracont-1-yl}oxy)phenyl]acetyl}amino)pentyl]carbamoyl}-L-glutamic acid' 'C59 H99 N7 O24 S'
MAN D-saccharide, alpha linking alpha-D-mannopyranose 'C6 H12 O6'
NAG D-saccharide, beta linking 2-acetamido-2-deoxy-beta-D-glucopyranose 'C8 H15 N O6'
ZN non-polymer 'ZINC ION' 'Zn 2'
#
# COMPACT_ATOMS: atom_id res chain seq x y z
N LYS A 44 30.98 15.08 -16.52
CA LYS A 44 30.87 13.68 -16.00
C LYS A 44 29.42 13.18 -16.07
N HIS A 45 29.28 11.89 -16.37
CA HIS A 45 27.99 11.24 -16.24
C HIS A 45 28.01 10.54 -14.89
N ASN A 46 27.58 11.24 -13.84
CA ASN A 46 27.50 10.69 -12.48
C ASN A 46 26.10 10.96 -11.91
N MET A 47 25.92 10.75 -10.61
CA MET A 47 24.54 10.90 -10.11
C MET A 47 24.14 12.39 -10.16
N LYS A 48 25.10 13.26 -9.89
CA LYS A 48 24.84 14.71 -9.98
C LYS A 48 24.25 15.12 -11.32
N ALA A 49 24.83 14.63 -12.42
CA ALA A 49 24.36 14.89 -13.78
C ALA A 49 22.92 14.40 -13.91
N PHE A 50 22.68 13.18 -13.43
CA PHE A 50 21.32 12.69 -13.44
C PHE A 50 20.35 13.58 -12.64
N LEU A 51 20.71 13.92 -11.39
CA LEU A 51 19.84 14.66 -10.49
C LEU A 51 19.61 16.09 -11.04
N ASP A 52 20.64 16.68 -11.64
CA ASP A 52 20.50 18.11 -12.09
C ASP A 52 19.60 18.21 -13.31
N GLU A 53 19.47 17.13 -14.07
CA GLU A 53 18.65 17.15 -15.23
C GLU A 53 17.14 17.17 -14.91
N LEU A 54 16.79 16.66 -13.71
CA LEU A 54 15.36 16.57 -13.25
C LEU A 54 14.82 18.04 -13.12
N LYS A 55 13.65 18.35 -13.67
CA LYS A 55 13.08 19.71 -13.52
C LYS A 55 11.65 19.69 -12.94
N ALA A 56 11.43 20.52 -11.93
CA ALA A 56 10.11 20.77 -11.34
C ALA A 56 9.11 21.09 -12.44
N GLU A 57 9.52 21.91 -13.41
CA GLU A 57 8.57 22.40 -14.43
C GLU A 57 8.11 21.29 -15.34
N ASN A 58 8.98 20.30 -15.55
CA ASN A 58 8.62 19.15 -16.35
C ASN A 58 7.61 18.24 -15.64
N ILE A 59 7.81 18.05 -14.34
CA ILE A 59 6.90 17.21 -13.54
C ILE A 59 5.51 17.89 -13.59
N LYS A 60 5.49 19.24 -13.49
CA LYS A 60 4.21 19.98 -13.54
C LYS A 60 3.53 19.77 -14.88
N LYS A 61 4.25 19.97 -16.00
CA LYS A 61 3.69 19.72 -17.34
C LYS A 61 3.13 18.28 -17.48
N PHE A 62 3.88 17.29 -17.03
CA PHE A 62 3.38 15.91 -17.12
C PHE A 62 2.15 15.67 -16.23
N LEU A 63 2.15 16.24 -15.02
CA LEU A 63 0.98 16.05 -14.15
C LEU A 63 -0.26 16.60 -14.83
N TYR A 64 -0.16 17.84 -15.35
CA TYR A 64 -1.30 18.41 -16.07
C TYR A 64 -1.74 17.49 -17.23
N ASN A 65 -0.78 16.97 -18.00
CA ASN A 65 -1.08 16.14 -19.15
C ASN A 65 -1.80 14.83 -18.77
N PHE A 66 -1.46 14.31 -17.58
CA PHE A 66 -2.02 13.03 -17.15
C PHE A 66 -3.34 13.10 -16.38
N THR A 67 -3.89 14.32 -16.12
CA THR A 67 -5.00 14.44 -15.21
C THR A 67 -6.19 15.22 -15.80
N GLN A 68 -6.23 15.37 -17.13
CA GLN A 68 -7.35 16.10 -17.79
C GLN A 68 -8.62 15.25 -17.95
N ILE A 69 -8.50 13.91 -18.05
CA ILE A 69 -9.64 13.02 -18.22
C ILE A 69 -9.43 11.83 -17.28
N PRO A 70 -10.51 11.07 -16.96
CA PRO A 70 -10.33 9.90 -16.06
C PRO A 70 -9.54 8.83 -16.79
N HIS A 71 -8.74 8.06 -16.03
CA HIS A 71 -8.01 6.92 -16.59
C HIS A 71 -8.31 5.63 -15.81
N LEU A 72 -9.59 5.31 -15.68
CA LEU A 72 -10.05 4.12 -14.93
C LEU A 72 -9.51 2.84 -15.60
N ALA A 73 -8.98 1.91 -14.78
CA ALA A 73 -8.50 0.65 -15.39
C ALA A 73 -9.57 -0.01 -16.24
N GLY A 74 -9.11 -0.51 -17.38
CA GLY A 74 -9.95 -1.28 -18.28
C GLY A 74 -10.67 -0.40 -19.25
N THR A 75 -10.51 0.91 -19.15
CA THR A 75 -11.25 1.81 -20.08
C THR A 75 -10.37 2.23 -21.25
N GLU A 76 -11.02 2.64 -22.35
CA GLU A 76 -10.27 3.11 -23.49
C GLU A 76 -9.30 4.25 -23.21
N GLN A 77 -9.70 5.23 -22.37
CA GLN A 77 -8.82 6.33 -22.06
C GLN A 77 -7.51 5.90 -21.39
N ASN A 78 -7.59 4.81 -20.61
CA ASN A 78 -6.38 4.39 -19.92
C ASN A 78 -5.44 3.59 -20.86
N PHE A 79 -6.02 2.91 -21.86
CA PHE A 79 -5.25 2.29 -22.94
C PHE A 79 -4.60 3.36 -23.77
N GLN A 80 -5.36 4.42 -24.11
CA GLN A 80 -4.68 5.55 -24.77
C GLN A 80 -3.50 6.16 -24.06
N LEU A 81 -3.65 6.34 -22.74
CA LEU A 81 -2.56 6.90 -21.99
C LEU A 81 -1.36 5.92 -22.00
N ALA A 82 -1.64 4.62 -21.86
CA ALA A 82 -0.56 3.62 -21.95
C ALA A 82 0.25 3.76 -23.26
N LYS A 83 -0.47 3.87 -24.36
CA LYS A 83 0.16 4.06 -25.67
C LYS A 83 0.98 5.32 -25.74
N GLN A 84 0.43 6.43 -25.17
CA GLN A 84 1.22 7.64 -25.07
C GLN A 84 2.53 7.48 -24.29
N ILE A 85 2.46 6.86 -23.10
CA ILE A 85 3.64 6.73 -22.25
C ILE A 85 4.67 5.83 -23.01
N GLN A 86 4.16 4.80 -23.65
CA GLN A 86 5.02 3.87 -24.41
C GLN A 86 5.81 4.69 -25.46
N SER A 87 5.07 5.50 -26.22
CA SER A 87 5.73 6.31 -27.27
CA SER A 87 5.68 6.37 -27.26
C SER A 87 6.70 7.32 -26.70
N GLN A 88 6.35 7.97 -25.60
CA GLN A 88 7.27 8.92 -25.01
C GLN A 88 8.51 8.30 -24.41
N TRP A 89 8.35 7.20 -23.67
CA TRP A 89 9.53 6.54 -23.16
C TRP A 89 10.50 6.10 -24.27
N LYS A 90 9.96 5.70 -25.43
CA LYS A 90 10.77 5.40 -26.66
C LYS A 90 11.52 6.66 -27.08
N GLU A 91 10.79 7.77 -27.28
CA GLU A 91 11.43 9.08 -27.63
C GLU A 91 12.46 9.51 -26.60
N PHE A 92 12.22 9.23 -25.31
CA PHE A 92 13.10 9.66 -24.24
C PHE A 92 14.43 8.89 -24.26
N GLY A 93 14.44 7.76 -24.97
CA GLY A 93 15.69 7.04 -25.25
C GLY A 93 15.82 5.60 -24.74
N LEU A 94 14.77 5.06 -24.09
CA LEU A 94 14.93 3.68 -23.59
C LEU A 94 15.17 2.70 -24.73
N ASP A 95 15.84 1.58 -24.41
CA ASP A 95 16.16 0.59 -25.43
C ASP A 95 14.97 -0.16 -26.00
N SER A 96 14.01 -0.57 -25.15
CA SER A 96 12.74 -1.09 -25.65
C SER A 96 11.64 -0.67 -24.70
N VAL A 97 10.44 -0.59 -25.24
CA VAL A 97 9.29 -0.23 -24.43
C VAL A 97 8.11 -1.00 -24.97
N GLU A 98 7.55 -1.91 -24.16
CA GLU A 98 6.51 -2.78 -24.64
C GLU A 98 5.26 -2.69 -23.76
N LEU A 99 4.11 -3.05 -24.30
CA LEU A 99 2.93 -3.19 -23.45
C LEU A 99 2.85 -4.65 -23.08
N ALA A 100 2.56 -4.92 -21.82
CA ALA A 100 2.29 -6.30 -21.36
C ALA A 100 0.83 -6.26 -20.88
N HIS A 101 -0.03 -7.02 -21.54
CA HIS A 101 -1.46 -7.04 -21.22
C HIS A 101 -1.90 -8.32 -20.61
N TYR A 102 -3.01 -8.27 -19.87
CA TYR A 102 -3.59 -9.40 -19.15
C TYR A 102 -5.08 -9.18 -19.16
N ASP A 103 -5.82 -10.26 -19.00
CA ASP A 103 -7.32 -10.19 -18.87
C ASP A 103 -7.72 -10.62 -17.49
N VAL A 104 -8.10 -9.62 -16.66
CA VAL A 104 -8.31 -9.81 -15.22
C VAL A 104 -9.73 -9.43 -14.79
N LEU A 105 -10.14 -9.93 -13.64
CA LEU A 105 -11.48 -9.58 -13.13
C LEU A 105 -11.48 -8.15 -12.63
N LEU A 106 -12.31 -7.28 -13.26
CA LEU A 106 -12.55 -5.89 -12.76
C LEU A 106 -14.02 -5.76 -12.38
N SER A 107 -14.43 -4.58 -11.90
CA SER A 107 -15.76 -4.39 -11.35
C SER A 107 -16.19 -2.96 -11.65
N TYR A 108 -17.44 -2.80 -12.13
CA TYR A 108 -17.93 -1.48 -12.55
C TYR A 108 -19.40 -1.34 -12.20
N PRO A 109 -19.81 -0.13 -11.84
CA PRO A 109 -21.28 0.02 -11.66
C PRO A 109 -22.01 -0.17 -12.99
N ASN A 110 -23.30 -0.49 -12.88
CA ASN A 110 -24.16 -0.56 -14.08
C ASN A 110 -24.64 0.88 -14.37
N LYS A 111 -24.21 1.45 -15.51
CA LYS A 111 -24.59 2.84 -15.89
C LYS A 111 -26.10 3.08 -16.07
N THR A 112 -26.88 2.04 -16.31
CA THR A 112 -28.33 2.25 -16.41
C THR A 112 -29.12 1.70 -15.22
N HIS A 113 -28.43 1.36 -14.14
CA HIS A 113 -29.10 0.85 -12.99
C HIS A 113 -28.25 1.24 -11.76
N PRO A 114 -28.36 2.50 -11.32
CA PRO A 114 -27.39 3.05 -10.33
C PRO A 114 -27.45 2.50 -8.94
N ASN A 115 -26.29 2.50 -8.26
CA ASN A 115 -26.23 2.08 -6.88
C ASN A 115 -26.69 3.20 -5.97
N TYR A 116 -27.45 2.86 -4.94
CA TYR A 116 -27.81 3.87 -3.93
C TYR A 116 -28.35 3.17 -2.70
N ILE A 117 -28.49 3.92 -1.61
CA ILE A 117 -29.00 3.37 -0.37
C ILE A 117 -30.25 4.23 0.00
N SER A 118 -31.23 3.57 0.59
CA SER A 118 -32.47 4.25 1.08
C SER A 118 -32.72 4.10 2.54
N ILE A 119 -33.43 5.08 3.13
CA ILE A 119 -34.24 4.75 4.31
C ILE A 119 -35.64 4.46 3.74
N ILE A 120 -36.23 3.37 4.20
CA ILE A 120 -37.49 2.91 3.64
C ILE A 120 -38.51 2.86 4.81
N ASN A 121 -39.73 3.35 4.61
CA ASN A 121 -40.73 3.25 5.71
C ASN A 121 -41.49 1.91 5.74
N GLU A 122 -42.34 1.74 6.76
CA GLU A 122 -43.27 0.59 6.89
C GLU A 122 -44.04 0.13 5.61
N ASP A 123 -44.35 1.06 4.71
CA ASP A 123 -45.05 0.73 3.47
C ASP A 123 -44.06 0.30 2.40
N GLY A 124 -42.79 0.60 2.62
CA GLY A 124 -41.81 0.36 1.60
C GLY A 124 -41.61 1.56 0.70
N ASN A 125 -41.93 2.75 1.18
CA ASN A 125 -41.59 3.94 0.40
C ASN A 125 -40.18 4.40 0.77
N GLU A 126 -39.39 4.73 -0.24
CA GLU A 126 -38.06 5.25 0.01
C GLU A 126 -38.10 6.71 0.31
N ILE A 127 -37.95 7.02 1.59
CA ILE A 127 -38.14 8.40 2.05
C ILE A 127 -36.85 9.17 2.02
N PHE A 128 -35.72 8.49 1.83
CA PHE A 128 -34.48 9.25 1.70
C PHE A 128 -33.55 8.38 0.85
N ASN A 129 -32.92 9.01 -0.13
CA ASN A 129 -31.96 8.35 -1.02
C ASN A 129 -30.60 9.01 -0.99
N THR A 130 -29.52 8.19 -0.93
CA THR A 130 -28.16 8.77 -1.05
C THR A 130 -27.87 9.21 -2.45
N SER A 131 -26.83 10.02 -2.64
CA SER A 131 -26.52 10.64 -3.94
C SER A 131 -26.17 9.62 -5.03
N LEU A 132 -26.44 9.93 -6.30
CA LEU A 132 -26.02 9.00 -7.38
C LEU A 132 -24.64 9.38 -7.91
N PHE A 133 -24.09 10.52 -7.48
CA PHE A 133 -22.81 10.98 -8.00
C PHE A 133 -22.28 12.06 -7.13
N GLU A 134 -20.98 12.30 -7.19
CA GLU A 134 -20.38 13.42 -6.45
C GLU A 134 -20.57 14.68 -7.32
N PRO A 135 -20.95 15.82 -6.70
CA PRO A 135 -20.95 17.06 -7.51
C PRO A 135 -19.61 17.34 -8.21
N PRO A 136 -19.55 17.44 -9.55
CA PRO A 136 -18.22 17.53 -10.13
C PRO A 136 -17.54 18.85 -9.84
N PRO A 137 -16.19 18.85 -9.78
CA PRO A 137 -15.56 20.12 -9.46
C PRO A 137 -15.67 21.18 -10.57
N PRO A 138 -15.36 22.45 -10.22
CA PRO A 138 -15.46 23.55 -11.19
C PRO A 138 -14.70 23.31 -12.52
N GLY A 139 -15.44 23.39 -13.63
CA GLY A 139 -14.79 23.25 -14.92
C GLY A 139 -14.72 21.81 -15.46
N TYR A 140 -15.11 20.86 -14.64
CA TYR A 140 -15.21 19.41 -15.00
C TYR A 140 -16.64 18.93 -14.97
N GLU A 141 -17.60 19.83 -14.81
CA GLU A 141 -19.00 19.40 -14.70
C GLU A 141 -19.49 18.78 -16.02
N ASN A 142 -18.71 18.92 -17.10
CA ASN A 142 -19.01 18.31 -18.41
C ASN A 142 -18.04 17.19 -18.84
N VAL A 143 -17.13 16.78 -17.97
CA VAL A 143 -16.32 15.62 -18.29
C VAL A 143 -17.23 14.39 -18.25
N SER A 144 -17.11 13.50 -19.22
CA SER A 144 -17.94 12.33 -19.14
C SER A 144 -17.09 11.15 -18.63
N ASP A 145 -17.78 10.09 -18.26
CA ASP A 145 -17.13 8.87 -17.88
C ASP A 145 -16.48 9.06 -16.52
N ILE A 146 -16.96 9.99 -15.69
CA ILE A 146 -16.56 9.92 -14.28
C ILE A 146 -17.32 8.79 -13.61
N VAL A 147 -16.61 7.76 -13.13
CA VAL A 147 -17.29 6.65 -12.52
C VAL A 147 -17.93 7.08 -11.20
N PRO A 148 -19.23 6.80 -10.96
CA PRO A 148 -19.79 7.24 -9.66
C PRO A 148 -19.16 6.47 -8.51
N PRO A 149 -19.23 7.01 -7.30
CA PRO A 149 -18.74 6.26 -6.14
C PRO A 149 -19.34 4.87 -6.06
N PHE A 150 -18.46 3.86 -5.85
CA PHE A 150 -18.91 2.51 -5.59
C PHE A 150 -17.77 1.78 -4.89
N SER A 151 -18.13 0.61 -4.35
CA SER A 151 -17.08 -0.27 -3.75
C SER A 151 -16.78 -1.37 -4.77
N ALA A 152 -15.59 -1.32 -5.40
CA ALA A 152 -15.26 -2.32 -6.41
C ALA A 152 -15.27 -3.76 -5.84
N PHE A 153 -15.97 -4.66 -6.54
CA PHE A 153 -16.13 -6.08 -6.27
C PHE A 153 -17.26 -6.44 -5.32
N SER A 154 -18.02 -5.44 -4.91
CA SER A 154 -19.26 -5.74 -4.15
C SER A 154 -20.12 -6.70 -4.99
N PRO A 155 -20.72 -7.73 -4.35
CA PRO A 155 -21.78 -8.50 -5.04
C PRO A 155 -23.05 -7.65 -5.18
N GLN A 156 -23.94 -8.10 -6.04
CA GLN A 156 -25.23 -7.40 -6.22
C GLN A 156 -26.14 -7.82 -5.09
N GLY A 157 -27.08 -6.94 -4.75
CA GLY A 157 -28.12 -7.33 -3.80
C GLY A 157 -28.93 -6.10 -3.43
N MET A 158 -30.10 -6.36 -2.82
CA MET A 158 -30.90 -5.26 -2.28
C MET A 158 -31.31 -5.58 -0.83
N PRO A 159 -30.34 -5.85 0.06
CA PRO A 159 -30.62 -6.17 1.47
C PRO A 159 -31.30 -5.00 2.22
N GLU A 160 -32.22 -5.36 3.11
CA GLU A 160 -32.97 -4.37 3.91
C GLU A 160 -32.91 -4.79 5.37
N GLY A 161 -32.66 -3.85 6.27
CA GLY A 161 -32.51 -4.20 7.66
C GLY A 161 -32.24 -3.05 8.58
N ASP A 162 -31.94 -3.37 9.84
CA ASP A 162 -31.61 -2.36 10.84
C ASP A 162 -30.10 -2.10 10.86
N LEU A 163 -29.72 -0.85 11.04
CA LEU A 163 -28.30 -0.47 11.14
C LEU A 163 -27.65 -0.76 12.45
N VAL A 164 -26.38 -1.22 12.42
CA VAL A 164 -25.50 -1.14 13.58
C VAL A 164 -24.32 -0.26 13.20
N TYR A 165 -23.95 0.64 14.08
CA TYR A 165 -22.79 1.45 13.83
C TYR A 165 -21.56 0.82 14.50
N VAL A 166 -20.50 0.60 13.71
CA VAL A 166 -19.38 -0.26 14.18
C VAL A 166 -18.04 0.51 14.27
N ASN A 167 -18.12 1.84 14.39
CA ASN A 167 -16.96 2.70 14.45
C ASN A 167 -16.13 2.46 13.16
N TYR A 168 -14.85 2.12 13.32
CA TYR A 168 -14.00 1.88 12.12
C TYR A 168 -14.03 0.46 11.61
N ALA A 169 -14.88 -0.41 12.17
CA ALA A 169 -15.04 -1.80 11.78
C ALA A 169 -13.68 -2.55 11.90
N ARG A 170 -12.84 -2.08 12.83
CA ARG A 170 -11.58 -2.79 13.18
C ARG A 170 -11.88 -4.05 13.99
N THR A 171 -10.89 -4.96 14.05
CA THR A 171 -11.03 -6.17 14.81
C THR A 171 -11.45 -5.80 16.28
N GLU A 172 -10.76 -4.83 16.85
CA GLU A 172 -11.07 -4.39 18.25
C GLU A 172 -12.44 -3.71 18.37
N ASP A 173 -12.92 -3.12 17.26
CA ASP A 173 -14.31 -2.54 17.29
C ASP A 173 -15.34 -3.65 17.42
N PHE A 174 -15.19 -4.75 16.67
CA PHE A 174 -16.10 -5.85 16.76
C PHE A 174 -15.97 -6.62 18.08
N PHE A 175 -14.75 -6.76 18.58
CA PHE A 175 -14.54 -7.34 19.93
C PHE A 175 -15.40 -6.57 20.96
N LYS A 176 -15.32 -5.24 20.90
CA LYS A 176 -15.99 -4.36 21.89
C LYS A 176 -17.50 -4.49 21.78
N LEU A 177 -17.99 -4.49 20.55
CA LEU A 177 -19.42 -4.67 20.28
C LEU A 177 -19.92 -6.00 20.75
N GLU A 178 -19.24 -7.07 20.33
CA GLU A 178 -19.69 -8.42 20.61
C GLU A 178 -19.41 -8.91 22.02
N ARG A 179 -18.21 -8.63 22.53
CA ARG A 179 -17.77 -9.23 23.79
C ARG A 179 -18.19 -8.39 24.97
N ASP A 180 -18.00 -7.07 24.87
CA ASP A 180 -18.30 -6.12 25.96
C ASP A 180 -19.73 -5.59 25.93
N MET A 181 -20.25 -5.27 24.75
CA MET A 181 -21.57 -4.64 24.66
C MET A 181 -22.68 -5.63 24.35
N LYS A 182 -22.31 -6.86 24.01
CA LYS A 182 -23.25 -7.93 23.69
C LYS A 182 -24.18 -7.58 22.54
N ILE A 183 -23.69 -6.79 21.59
CA ILE A 183 -24.49 -6.44 20.43
C ILE A 183 -24.19 -7.43 19.30
N ASN A 184 -25.22 -7.95 18.68
CA ASN A 184 -25.09 -9.02 17.70
C ASN A 184 -25.33 -8.45 16.30
N CYS A 185 -24.38 -8.62 15.37
CA CYS A 185 -24.53 -7.99 14.04
C CYS A 185 -25.15 -8.91 13.03
N SER A 186 -25.44 -10.13 13.45
CA SER A 186 -25.96 -11.08 12.52
C SER A 186 -27.26 -10.58 11.85
N GLY A 187 -27.31 -10.59 10.51
CA GLY A 187 -28.46 -10.10 9.77
C GLY A 187 -28.73 -8.62 9.81
N LYS A 188 -27.78 -7.84 10.34
CA LYS A 188 -27.85 -6.38 10.40
C LYS A 188 -27.06 -5.73 9.23
N ILE A 189 -27.40 -4.50 8.85
CA ILE A 189 -26.55 -3.71 7.94
C ILE A 189 -25.60 -2.91 8.80
N VAL A 190 -24.28 -3.03 8.57
CA VAL A 190 -23.42 -2.22 9.37
C VAL A 190 -22.99 -0.96 8.64
N ILE A 191 -22.87 0.10 9.41
CA ILE A 191 -22.27 1.33 8.96
C ILE A 191 -20.98 1.60 9.72
N ALA A 192 -19.94 1.87 8.93
CA ALA A 192 -18.62 2.04 9.43
C ALA A 192 -18.00 3.27 8.83
N ARG A 193 -17.24 4.00 9.63
CA ARG A 193 -16.47 5.07 9.12
C ARG A 193 -15.16 4.62 8.54
N TYR A 194 -14.83 5.22 7.39
CA TYR A 194 -13.53 4.99 6.78
C TYR A 194 -12.44 5.47 7.73
N GLY A 195 -11.23 4.91 7.60
CA GLY A 195 -10.06 5.38 8.34
C GLY A 195 -9.41 4.25 9.12
N LYS A 196 -8.18 4.53 9.57
CA LYS A 196 -7.43 3.62 10.50
C LYS A 196 -6.92 2.36 9.79
N VAL A 197 -7.80 1.66 9.06
CA VAL A 197 -7.39 0.37 8.43
C VAL A 197 -7.91 0.26 7.01
N PHE A 198 -7.31 -0.61 6.21
CA PHE A 198 -7.78 -0.85 4.84
C PHE A 198 -9.24 -1.28 4.81
N ARG A 199 -10.00 -0.71 3.85
CA ARG A 199 -11.44 -1.04 3.82
C ARG A 199 -11.82 -2.48 3.57
N GLY A 200 -10.94 -3.25 2.90
CA GLY A 200 -11.18 -4.64 2.69
C GLY A 200 -11.19 -5.39 4.05
N ASN A 201 -10.33 -4.99 5.00
CA ASN A 201 -10.38 -5.59 6.32
C ASN A 201 -11.67 -5.25 7.10
N LYS A 202 -12.16 -4.00 6.95
CA LYS A 202 -13.50 -3.69 7.50
C LYS A 202 -14.58 -4.64 6.99
N VAL A 203 -14.60 -4.92 5.66
CA VAL A 203 -15.66 -5.68 5.08
C VAL A 203 -15.53 -7.14 5.53
N LYS A 204 -14.28 -7.64 5.59
CA LYS A 204 -14.05 -9.01 6.04
C LYS A 204 -14.55 -9.15 7.50
N ASN A 205 -14.28 -8.14 8.31
CA ASN A 205 -14.62 -8.19 9.74
C ASN A 205 -16.15 -8.12 9.85
N ALA A 206 -16.81 -7.26 9.05
CA ALA A 206 -18.32 -7.21 9.12
C ALA A 206 -18.92 -8.52 8.68
N GLN A 207 -18.37 -9.08 7.60
CA GLN A 207 -18.84 -10.34 7.07
C GLN A 207 -18.75 -11.46 8.13
N LEU A 208 -17.65 -11.51 8.87
CA LEU A 208 -17.47 -12.57 9.85
C LEU A 208 -18.35 -12.37 11.09
N ALA A 209 -18.68 -11.11 11.39
CA ALA A 209 -19.70 -10.76 12.41
C ALA A 209 -21.15 -11.10 11.94
N GLY A 210 -21.33 -11.57 10.72
CA GLY A 210 -22.65 -11.95 10.18
C GLY A 210 -23.48 -10.80 9.62
N ALA A 211 -22.84 -9.65 9.35
CA ALA A 211 -23.56 -8.57 8.66
C ALA A 211 -24.13 -8.99 7.33
N LYS A 212 -25.24 -8.36 6.94
CA LYS A 212 -25.75 -8.60 5.59
C LYS A 212 -25.44 -7.49 4.56
N GLY A 213 -24.71 -6.46 4.99
CA GLY A 213 -24.34 -5.36 4.08
C GLY A 213 -23.46 -4.41 4.84
N VAL A 214 -22.66 -3.60 4.14
CA VAL A 214 -21.82 -2.67 4.81
C VAL A 214 -21.96 -1.34 4.10
N ILE A 215 -22.15 -0.28 4.88
CA ILE A 215 -22.09 1.07 4.36
C ILE A 215 -20.85 1.76 4.90
N LEU A 216 -19.99 2.28 4.02
CA LEU A 216 -18.78 2.97 4.43
C LEU A 216 -19.01 4.45 4.24
N TYR A 217 -18.51 5.29 5.16
CA TYR A 217 -18.62 6.75 4.91
C TYR A 217 -17.45 7.48 5.47
N SER A 218 -17.25 8.71 5.00
CA SER A 218 -16.16 9.53 5.43
C SER A 218 -16.61 10.48 6.51
N ASP A 219 -16.11 10.30 7.74
CA ASP A 219 -16.50 11.23 8.83
C ASP A 219 -15.60 12.45 8.75
N PRO A 220 -16.15 13.69 8.98
CA PRO A 220 -15.22 14.81 8.99
C PRO A 220 -14.17 14.73 10.09
N ALA A 221 -14.40 13.97 11.14
CA ALA A 221 -13.35 13.77 12.18
C ALA A 221 -12.07 13.23 11.53
N ASP A 222 -12.24 12.43 10.49
CA ASP A 222 -11.11 11.75 9.85
C ASP A 222 -10.74 12.31 8.48
N TYR A 223 -11.59 13.13 7.86
CA TYR A 223 -11.34 13.64 6.51
C TYR A 223 -11.60 15.16 6.35
N PHE A 224 -11.65 15.89 7.46
CA PHE A 224 -11.84 17.36 7.37
C PHE A 224 -10.89 17.97 8.41
N ALA A 225 -9.80 18.53 7.95
CA ALA A 225 -8.81 19.18 8.82
C ALA A 225 -9.37 20.52 9.33
N PRO A 226 -9.35 20.73 10.67
CA PRO A 226 -9.83 22.01 11.24
C PRO A 226 -9.17 23.24 10.61
N GLY A 227 -10.01 24.23 10.32
CA GLY A 227 -9.51 25.46 9.78
C GLY A 227 -9.21 25.53 8.31
N VAL A 228 -9.52 24.47 7.55
CA VAL A 228 -9.20 24.43 6.11
C VAL A 228 -10.53 24.34 5.39
N LYS A 229 -10.63 24.96 4.23
CA LYS A 229 -11.90 24.92 3.52
C LYS A 229 -12.01 23.68 2.61
N SER A 230 -13.25 23.28 2.34
CA SER A 230 -13.57 22.26 1.34
C SER A 230 -13.15 22.60 -0.04
N TYR A 231 -12.86 21.56 -0.84
CA TYR A 231 -12.57 21.78 -2.22
C TYR A 231 -13.77 22.50 -2.86
N PRO A 232 -13.54 23.46 -3.76
CA PRO A 232 -12.36 23.96 -4.46
C PRO A 232 -11.55 25.02 -3.70
N ASP A 233 -12.01 25.38 -2.54
CA ASP A 233 -11.41 26.54 -1.83
C ASP A 233 -10.34 26.13 -0.86
N GLY A 234 -10.20 24.80 -0.62
CA GLY A 234 -9.08 24.30 0.15
C GLY A 234 -9.02 22.80 -0.10
N TRP A 235 -8.27 22.08 0.74
CA TRP A 235 -8.01 20.65 0.43
C TRP A 235 -8.85 19.68 1.21
N ASN A 236 -9.91 20.16 1.84
CA ASN A 236 -10.79 19.32 2.61
C ASN A 236 -11.82 18.65 1.73
N LEU A 237 -12.36 17.53 2.24
CA LEU A 237 -13.45 16.76 1.62
C LEU A 237 -14.79 17.46 1.91
N PRO A 238 -15.55 17.81 0.84
CA PRO A 238 -16.91 18.36 1.01
C PRO A 238 -17.89 17.30 1.40
N GLY A 239 -19.08 17.69 1.87
CA GLY A 239 -20.01 16.69 2.38
C GLY A 239 -20.57 15.75 1.33
N GLY A 240 -20.46 16.15 0.07
CA GLY A 240 -20.92 15.34 -1.10
C GLY A 240 -19.76 14.46 -1.63
N GLY A 241 -18.56 14.66 -1.10
CA GLY A 241 -17.34 13.89 -1.58
C GLY A 241 -17.43 12.46 -1.09
N VAL A 242 -16.90 11.50 -1.89
CA VAL A 242 -16.98 10.10 -1.49
C VAL A 242 -15.68 9.42 -1.95
N GLN A 243 -15.21 8.50 -1.12
CA GLN A 243 -13.97 7.74 -1.36
C GLN A 243 -14.32 6.42 -2.03
N ARG A 244 -13.89 6.28 -3.29
CA ARG A 244 -13.95 4.99 -4.01
C ARG A 244 -12.88 4.05 -3.43
N GLY A 245 -13.03 2.78 -3.76
CA GLY A 245 -11.92 1.81 -3.48
C GLY A 245 -12.42 0.40 -3.47
N ASN A 246 -11.51 -0.56 -3.82
CA ASN A 246 -11.92 -1.93 -3.79
C ASN A 246 -11.94 -2.47 -2.38
N ILE A 247 -12.72 -3.55 -2.21
CA ILE A 247 -12.95 -4.14 -0.91
C ILE A 247 -12.57 -5.63 -0.90
N LEU A 248 -11.56 -5.99 -1.72
CA LEU A 248 -11.06 -7.36 -1.75
C LEU A 248 -10.20 -7.71 -0.55
N ASN A 249 -10.08 -9.04 -0.32
CA ASN A 249 -9.07 -9.56 0.59
C ASN A 249 -8.25 -10.58 -0.18
N LEU A 250 -7.38 -10.05 -1.04
CA LEU A 250 -6.62 -10.95 -1.91
C LEU A 250 -5.43 -11.61 -1.23
N ASN A 251 -4.92 -11.01 -0.17
CA ASN A 251 -3.68 -11.56 0.49
C ASN A 251 -2.53 -11.84 -0.48
N GLY A 252 -2.38 -10.99 -1.47
CA GLY A 252 -1.23 -11.12 -2.41
C GLY A 252 -1.54 -11.90 -3.67
N ALA A 253 -2.77 -12.38 -3.86
CA ALA A 253 -3.04 -13.26 -5.03
C ALA A 253 -3.03 -12.65 -6.41
N GLY A 254 -3.27 -11.34 -6.51
CA GLY A 254 -3.45 -10.67 -7.83
C GLY A 254 -4.83 -10.92 -8.41
N ASP A 255 -4.93 -11.12 -9.73
CA ASP A 255 -6.29 -11.39 -10.31
C ASP A 255 -7.04 -12.46 -9.52
N PRO A 256 -8.28 -12.18 -9.08
CA PRO A 256 -9.00 -13.15 -8.35
C PRO A 256 -9.17 -14.51 -9.03
N LEU A 257 -9.16 -14.52 -10.36
CA LEU A 257 -9.43 -15.77 -11.04
C LEU A 257 -8.21 -16.61 -11.40
N THR A 258 -7.01 -16.11 -11.22
CA THR A 258 -5.81 -16.86 -11.72
C THR A 258 -4.64 -16.86 -10.71
N PRO A 259 -4.94 -17.16 -9.43
CA PRO A 259 -3.84 -17.07 -8.43
C PRO A 259 -2.67 -18.00 -8.75
N GLY A 260 -1.48 -17.42 -8.80
CA GLY A 260 -0.22 -18.18 -9.04
C GLY A 260 0.32 -18.08 -10.44
N TYR A 261 -0.52 -17.64 -11.40
CA TYR A 261 -0.17 -17.69 -12.82
C TYR A 261 -0.67 -16.44 -13.55
N PRO A 262 0.02 -16.01 -14.60
CA PRO A 262 -0.44 -14.80 -15.30
C PRO A 262 -1.75 -15.04 -16.05
N ALA A 263 -2.60 -14.00 -16.00
CA ALA A 263 -3.90 -14.02 -16.68
C ALA A 263 -3.71 -13.75 -18.19
N ASN A 264 -2.99 -14.66 -18.84
CA ASN A 264 -2.66 -14.48 -20.25
C ASN A 264 -3.79 -15.02 -21.14
N GLU A 265 -3.51 -15.16 -22.44
CA GLU A 265 -4.55 -15.51 -23.36
C GLU A 265 -5.11 -16.93 -23.18
N TYR A 266 -4.29 -17.87 -22.68
CA TYR A 266 -4.79 -19.25 -22.55
C TYR A 266 -5.06 -19.63 -21.12
N ALA A 267 -5.11 -18.65 -20.22
CA ALA A 267 -5.23 -18.94 -18.81
C ALA A 267 -6.53 -19.67 -18.50
N TYR A 268 -6.46 -20.61 -17.57
CA TYR A 268 -7.62 -21.24 -17.07
C TYR A 268 -8.08 -20.45 -15.86
N ARG A 269 -9.35 -20.11 -15.81
CA ARG A 269 -9.83 -19.24 -14.74
C ARG A 269 -10.71 -20.00 -13.82
N ARG A 270 -10.58 -19.72 -12.53
CA ARG A 270 -11.58 -20.16 -11.54
C ARG A 270 -12.97 -19.60 -11.91
N GLY A 271 -14.01 -20.34 -11.51
CA GLY A 271 -15.38 -19.80 -11.54
C GLY A 271 -15.48 -18.77 -10.44
N ILE A 272 -16.37 -17.81 -10.59
CA ILE A 272 -16.64 -16.79 -9.57
C ILE A 272 -16.76 -17.35 -8.18
N ALA A 273 -17.43 -18.49 -7.99
CA ALA A 273 -17.61 -18.99 -6.63
C ALA A 273 -16.31 -19.39 -5.95
N GLU A 274 -15.27 -19.73 -6.72
CA GLU A 274 -13.96 -20.11 -6.16
C GLU A 274 -12.90 -19.01 -6.28
N ALA A 275 -13.32 -17.85 -6.77
CA ALA A 275 -12.42 -16.69 -6.94
C ALA A 275 -11.81 -16.30 -5.59
N VAL A 276 -10.60 -15.77 -5.64
CA VAL A 276 -9.99 -15.29 -4.40
C VAL A 276 -10.46 -13.91 -3.95
N GLY A 277 -10.87 -13.80 -2.67
CA GLY A 277 -10.92 -12.48 -2.05
C GLY A 277 -12.19 -11.69 -2.23
N LEU A 278 -13.18 -12.25 -2.91
CA LEU A 278 -14.41 -11.46 -3.15
C LEU A 278 -15.30 -11.41 -1.89
N PRO A 279 -15.91 -10.25 -1.62
CA PRO A 279 -16.83 -10.14 -0.49
C PRO A 279 -18.15 -10.87 -0.79
N SER A 280 -18.80 -11.35 0.28
CA SER A 280 -20.08 -12.07 0.13
C SER A 280 -21.28 -11.21 0.44
N ILE A 281 -21.07 -9.97 0.84
CA ILE A 281 -22.21 -9.07 1.19
C ILE A 281 -22.07 -7.75 0.45
N PRO A 282 -23.17 -7.12 0.07
CA PRO A 282 -23.06 -5.85 -0.66
C PRO A 282 -22.46 -4.71 0.18
N VAL A 283 -21.70 -3.83 -0.49
CA VAL A 283 -20.98 -2.74 0.16
C VAL A 283 -21.05 -1.47 -0.66
N HIS A 284 -21.19 -0.34 -0.03
CA HIS A 284 -21.27 0.92 -0.77
C HIS A 284 -20.79 2.11 0.03
N PRO A 285 -20.02 3.03 -0.60
CA PRO A 285 -19.49 4.18 0.16
C PRO A 285 -20.35 5.44 -0.09
N ILE A 286 -20.40 6.27 0.97
CA ILE A 286 -21.14 7.56 0.94
C ILE A 286 -20.36 8.68 1.62
N GLY A 287 -20.79 9.93 1.35
CA GLY A 287 -20.20 11.10 2.00
C GLY A 287 -20.96 11.42 3.29
N TYR A 288 -20.48 12.47 3.95
CA TYR A 288 -20.94 12.73 5.28
C TYR A 288 -22.27 13.46 5.31
N TYR A 289 -22.61 14.24 4.27
CA TYR A 289 -24.07 14.68 4.15
C TYR A 289 -25.05 13.51 4.21
N ASP A 290 -24.81 12.50 3.40
CA ASP A 290 -25.65 11.33 3.38
C ASP A 290 -25.53 10.53 4.67
N ALA A 291 -24.30 10.42 5.18
CA ALA A 291 -24.13 9.67 6.42
C ALA A 291 -24.88 10.29 7.58
N GLN A 292 -24.85 11.61 7.65
CA GLN A 292 -25.66 12.30 8.69
C GLN A 292 -27.13 11.85 8.67
N LYS A 293 -27.71 11.74 7.49
CA LYS A 293 -29.09 11.31 7.38
C LYS A 293 -29.33 9.88 7.85
N LEU A 294 -28.35 8.98 7.67
CA LEU A 294 -28.51 7.59 8.12
C LEU A 294 -28.24 7.43 9.62
N LEU A 295 -27.38 8.27 10.16
CA LEU A 295 -26.94 8.12 11.53
C LEU A 295 -27.85 8.90 12.49
N GLU A 296 -28.48 9.97 12.01
CA GLU A 296 -29.17 10.89 12.97
C GLU A 296 -30.30 10.20 13.72
N LYS A 297 -30.93 9.21 13.12
CA LYS A 297 -32.02 8.50 13.76
C LYS A 297 -31.64 7.29 14.59
N MET A 298 -30.34 7.01 14.71
CA MET A 298 -29.95 5.76 15.39
C MET A 298 -30.29 5.66 16.89
N GLY A 299 -30.81 4.50 17.29
CA GLY A 299 -31.16 4.21 18.68
C GLY A 299 -30.28 3.15 19.35
N GLY A 300 -30.90 2.29 20.14
CA GLY A 300 -30.19 1.24 20.89
C GLY A 300 -29.14 1.85 21.80
N SER A 301 -28.01 1.17 21.96
CA SER A 301 -27.01 1.60 22.94
C SER A 301 -26.28 2.85 22.61
N ALA A 302 -25.86 3.59 23.64
CA ALA A 302 -25.00 4.73 23.42
C ALA A 302 -23.63 4.23 22.91
N PRO A 303 -22.82 5.13 22.30
CA PRO A 303 -21.44 4.78 21.96
C PRO A 303 -20.74 4.43 23.28
N PRO A 304 -19.80 3.47 23.26
CA PRO A 304 -19.24 2.99 24.51
C PRO A 304 -18.26 3.97 25.12
N ASP A 305 -17.77 4.90 24.32
CA ASP A 305 -16.86 5.94 24.81
C ASP A 305 -16.58 6.93 23.68
N SER A 306 -15.79 7.95 23.97
CA SER A 306 -15.61 9.06 23.03
C SER A 306 -14.81 8.71 21.73
N SER A 307 -14.03 7.61 21.76
CA SER A 307 -13.22 7.20 20.59
C SER A 307 -14.12 6.67 19.47
N TRP A 308 -15.40 6.46 19.78
CA TRP A 308 -16.44 5.98 18.87
C TRP A 308 -17.22 7.12 18.24
N ARG A 309 -16.99 8.36 18.73
CA ARG A 309 -17.74 9.52 18.22
C ARG A 309 -16.92 10.31 17.20
N GLY A 310 -17.47 10.54 16.01
CA GLY A 310 -16.84 11.44 15.05
C GLY A 310 -17.36 12.85 15.27
N SER A 311 -17.37 13.68 14.23
CA SER A 311 -17.64 15.10 14.40
C SER A 311 -18.98 15.56 13.90
N LEU A 312 -19.83 14.65 13.43
CA LEU A 312 -21.14 15.05 12.92
C LEU A 312 -22.05 15.28 14.14
N LYS A 313 -23.08 16.08 13.91
CA LYS A 313 -24.01 16.41 14.97
C LYS A 313 -25.05 15.32 15.13
N VAL A 314 -24.59 14.14 15.58
CA VAL A 314 -25.44 12.99 15.83
C VAL A 314 -24.89 12.30 17.09
N PRO A 315 -25.69 11.41 17.70
CA PRO A 315 -25.20 10.82 18.95
C PRO A 315 -24.16 9.69 18.77
N TYR A 316 -24.10 9.09 17.59
CA TYR A 316 -23.23 7.92 17.39
C TYR A 316 -23.69 6.70 18.20
N ASN A 317 -25.01 6.54 18.32
CA ASN A 317 -25.53 5.35 18.94
C ASN A 317 -25.18 4.17 18.08
N VAL A 318 -24.94 3.05 18.73
CA VAL A 318 -24.53 1.83 18.03
C VAL A 318 -25.73 1.07 17.42
N GLY A 319 -26.93 1.30 17.95
CA GLY A 319 -28.10 0.53 17.50
C GLY A 319 -28.26 -0.73 18.32
N PRO A 320 -28.85 -1.77 17.74
CA PRO A 320 -29.36 -1.85 16.36
C PRO A 320 -30.56 -0.96 16.12
N GLY A 321 -30.76 -0.54 14.88
CA GLY A 321 -31.97 0.18 14.50
C GLY A 321 -32.09 1.62 15.01
N PHE A 322 -33.24 2.20 14.67
CA PHE A 322 -33.55 3.61 14.89
C PHE A 322 -34.34 3.80 16.20
N THR A 323 -34.33 5.03 16.74
CA THR A 323 -35.14 5.33 17.96
C THR A 323 -36.67 5.14 17.78
N GLY A 324 -37.38 5.15 18.90
CA GLY A 324 -38.77 4.71 18.93
C GLY A 324 -39.66 5.19 17.82
N ASN A 325 -39.66 6.49 17.58
CA ASN A 325 -40.54 7.09 16.57
C ASN A 325 -40.34 6.49 15.19
N PHE A 326 -39.15 5.96 14.96
CA PHE A 326 -38.75 5.48 13.64
C PHE A 326 -38.37 4.01 13.63
N SER A 327 -38.50 3.38 14.80
CA SER A 327 -38.12 1.99 15.01
C SER A 327 -38.58 1.10 13.88
N THR A 328 -39.56 1.54 13.11
CA THR A 328 -40.14 0.69 12.10
C THR A 328 -39.63 1.03 10.66
N GLN A 329 -38.83 2.08 10.55
CA GLN A 329 -38.17 2.35 9.27
C GLN A 329 -36.94 1.44 9.19
N LYS A 330 -36.52 1.12 7.97
CA LYS A 330 -35.33 0.28 7.78
C LYS A 330 -34.37 0.91 6.76
N VAL A 331 -33.18 0.32 6.62
CA VAL A 331 -32.24 0.77 5.58
C VAL A 331 -32.15 -0.26 4.49
N LYS A 332 -32.16 0.20 3.24
CA LYS A 332 -32.15 -0.69 2.10
C LYS A 332 -31.04 -0.30 1.12
N MET A 333 -30.15 -1.25 0.80
CA MET A 333 -29.10 -0.98 -0.20
C MET A 333 -29.59 -1.41 -1.60
N HIS A 334 -29.10 -0.79 -2.66
CA HIS A 334 -29.40 -1.27 -4.00
C HIS A 334 -28.08 -1.31 -4.77
N ILE A 335 -27.54 -2.51 -4.89
CA ILE A 335 -26.23 -2.68 -5.55
C ILE A 335 -26.34 -3.58 -6.76
N HIS A 336 -25.91 -3.06 -7.90
CA HIS A 336 -26.06 -3.72 -9.18
C HIS A 336 -24.78 -3.76 -10.05
N SER A 337 -23.65 -3.48 -9.39
CA SER A 337 -22.36 -3.46 -10.09
C SER A 337 -22.09 -4.88 -10.59
N THR A 338 -21.23 -4.99 -11.63
CA THR A 338 -20.92 -6.31 -12.15
C THR A 338 -19.42 -6.53 -12.22
N ASN A 339 -19.04 -7.79 -12.03
CA ASN A 339 -17.60 -8.08 -12.15
C ASN A 339 -17.41 -8.58 -13.58
N GLU A 340 -16.34 -8.19 -14.22
CA GLU A 340 -16.16 -8.56 -15.62
C GLU A 340 -14.70 -8.68 -15.97
N VAL A 341 -14.37 -9.77 -16.65
CA VAL A 341 -12.98 -9.93 -17.09
C VAL A 341 -12.68 -8.88 -18.16
N THR A 342 -11.59 -8.14 -18.02
CA THR A 342 -11.31 -6.95 -18.77
C THR A 342 -9.80 -6.84 -19.04
N ARG A 343 -9.42 -6.36 -20.22
CA ARG A 343 -7.97 -6.25 -20.54
C ARG A 343 -7.36 -5.04 -19.85
N ILE A 344 -6.14 -5.23 -19.36
CA ILE A 344 -5.36 -4.14 -18.73
C ILE A 344 -4.00 -4.16 -19.39
N TYR A 345 -3.28 -3.06 -19.25
CA TYR A 345 -2.03 -2.85 -19.94
C TYR A 345 -0.96 -2.23 -19.08
N ASN A 346 0.16 -2.93 -18.90
CA ASN A 346 1.31 -2.34 -18.27
C ASN A 346 2.28 -1.84 -19.30
N VAL A 347 2.96 -0.74 -19.04
CA VAL A 347 4.05 -0.31 -19.96
C VAL A 347 5.33 -0.73 -19.28
N ILE A 348 6.23 -1.43 -20.01
CA ILE A 348 7.51 -1.91 -19.43
C ILE A 348 8.63 -1.37 -20.33
N GLY A 349 9.42 -0.50 -19.77
CA GLY A 349 10.60 0.10 -20.46
C GLY A 349 11.88 -0.49 -19.95
N THR A 350 12.85 -0.70 -20.85
CA THR A 350 14.13 -1.28 -20.43
C THR A 350 15.27 -0.37 -20.80
N LEU A 351 16.15 -0.15 -19.85
CA LEU A 351 17.47 0.52 -20.15
C LEU A 351 18.57 -0.50 -19.83
N ARG A 352 19.07 -1.13 -20.88
CA ARG A 352 20.04 -2.26 -20.71
C ARG A 352 21.33 -1.84 -19.99
N GLY A 353 21.77 -2.63 -18.98
CA GLY A 353 23.01 -2.37 -18.23
C GLY A 353 24.23 -2.68 -19.12
N ALA A 354 25.25 -1.87 -18.90
CA ALA A 354 26.51 -1.97 -19.67
C ALA A 354 27.34 -3.18 -19.23
N VAL A 355 27.27 -3.51 -17.94
CA VAL A 355 28.23 -4.46 -17.30
C VAL A 355 27.44 -5.68 -16.77
N GLU A 356 26.33 -5.40 -16.08
CA GLU A 356 25.50 -6.53 -15.58
C GLU A 356 24.05 -6.40 -16.07
N PRO A 357 23.82 -6.64 -17.36
CA PRO A 357 22.52 -6.54 -17.99
C PRO A 357 21.53 -7.54 -17.39
N ASP A 358 22.04 -8.60 -16.75
CA ASP A 358 21.14 -9.59 -16.14
C ASP A 358 20.92 -9.26 -14.67
N ARG A 359 21.00 -7.98 -14.25
CA ARG A 359 20.65 -7.62 -12.93
C ARG A 359 19.68 -6.47 -13.06
N TYR A 360 18.51 -6.61 -12.44
CA TYR A 360 17.40 -5.62 -12.68
C TYR A 360 17.13 -4.77 -11.46
N VAL A 361 17.09 -3.44 -11.68
CA VAL A 361 16.65 -2.48 -10.68
C VAL A 361 15.35 -1.88 -11.28
N ILE A 362 14.26 -1.97 -10.52
CA ILE A 362 12.93 -1.73 -11.08
C ILE A 362 12.36 -0.50 -10.39
N LEU A 363 11.90 0.45 -11.22
CA LEU A 363 11.13 1.66 -10.78
C LEU A 363 9.75 1.49 -11.34
N GLY A 364 8.79 1.29 -10.48
CA GLY A 364 7.41 0.93 -10.92
C GLY A 364 6.38 1.77 -10.15
N GLY A 365 5.36 2.20 -10.87
CA GLY A 365 4.19 2.78 -10.13
C GLY A 365 3.03 2.70 -11.12
N HIS A 366 1.80 2.84 -10.58
CA HIS A 366 0.64 2.61 -11.46
C HIS A 366 0.18 3.91 -12.16
N ARG A 367 -0.70 3.66 -13.10
CA ARG A 367 -1.19 4.69 -14.07
C ARG A 367 -2.70 4.78 -14.01
N ASP A 368 -3.40 3.68 -13.73
CA ASP A 368 -4.89 3.69 -13.60
C ASP A 368 -5.27 4.55 -12.40
N SER A 369 -6.40 5.27 -12.51
CA SER A 369 -6.85 6.13 -11.41
C SER A 369 -8.35 5.87 -11.23
N TRP A 370 -8.88 6.27 -10.08
CA TRP A 370 -10.33 6.17 -9.88
C TRP A 370 -11.10 7.21 -10.73
N VAL A 371 -10.64 8.43 -10.69
CA VAL A 371 -11.14 9.50 -11.60
C VAL A 371 -9.92 10.18 -12.24
N PHE A 372 -9.62 11.43 -11.87
CA PHE A 372 -8.56 12.17 -12.51
C PHE A 372 -7.18 11.84 -11.97
N GLY A 373 -7.13 11.27 -10.76
CA GLY A 373 -5.79 10.85 -10.21
C GLY A 373 -4.76 11.96 -9.97
N GLY A 374 -5.26 13.16 -9.60
CA GLY A 374 -4.37 14.31 -9.43
C GLY A 374 -3.23 14.01 -8.47
N ILE A 375 -3.55 13.35 -7.36
CA ILE A 375 -2.47 12.89 -6.48
C ILE A 375 -2.21 11.41 -6.80
N ASP A 376 -3.24 10.58 -6.69
CA ASP A 376 -3.10 9.09 -6.77
C ASP A 376 -3.64 8.58 -8.14
N PRO A 377 -2.78 8.17 -9.09
CA PRO A 377 -1.34 8.06 -8.93
C PRO A 377 -0.53 9.10 -9.70
N GLN A 378 -1.18 10.09 -10.33
CA GLN A 378 -0.39 10.78 -11.34
C GLN A 378 0.70 11.67 -10.81
N SER A 379 0.61 12.06 -9.54
CA SER A 379 1.74 12.82 -9.01
C SER A 379 3.00 11.93 -8.93
N GLY A 380 2.75 10.62 -8.80
CA GLY A 380 3.87 9.65 -8.88
C GLY A 380 4.27 9.35 -10.31
N ALA A 381 3.31 9.13 -11.19
CA ALA A 381 3.60 8.83 -12.61
C ALA A 381 4.36 9.95 -13.30
N ALA A 382 4.08 11.21 -12.93
CA ALA A 382 4.76 12.33 -13.57
C ALA A 382 6.23 12.38 -13.17
N VAL A 383 6.48 11.99 -11.91
CA VAL A 383 7.84 11.90 -11.33
C VAL A 383 8.57 10.76 -12.08
N VAL A 384 7.92 9.61 -12.26
CA VAL A 384 8.59 8.54 -13.00
C VAL A 384 8.94 8.99 -14.46
N HIS A 385 7.98 9.68 -15.12
CA HIS A 385 8.15 10.15 -16.47
C HIS A 385 9.39 11.05 -16.57
N GLU A 386 9.56 11.95 -15.60
CA GLU A 386 10.72 12.85 -15.59
C GLU A 386 12.02 12.09 -15.28
N ILE A 387 11.93 11.06 -14.41
CA ILE A 387 13.11 10.21 -14.17
C ILE A 387 13.55 9.49 -15.44
N VAL A 388 12.61 8.89 -16.14
CA VAL A 388 12.89 8.25 -17.44
C VAL A 388 13.54 9.25 -18.39
N ARG A 389 12.94 10.44 -18.46
CA ARG A 389 13.52 11.47 -19.32
C ARG A 389 14.98 11.80 -19.00
N SER A 390 15.32 12.01 -17.71
CA SER A 390 16.66 12.29 -17.23
C SER A 390 17.58 11.13 -17.57
N PHE A 391 17.19 9.90 -17.21
CA PHE A 391 18.05 8.75 -17.62
C PHE A 391 18.30 8.70 -19.12
N GLY A 392 17.26 8.92 -19.96
CA GLY A 392 17.35 8.82 -21.40
C GLY A 392 18.26 9.95 -21.94
N THR A 393 18.28 11.10 -21.28
CA THR A 393 19.19 12.20 -21.67
C THR A 393 20.64 11.73 -21.60
N LEU A 394 21.00 11.13 -20.47
CA LEU A 394 22.35 10.61 -20.26
C LEU A 394 22.67 9.50 -21.24
N LYS A 395 21.71 8.60 -21.46
CA LYS A 395 21.89 7.54 -22.41
C LYS A 395 22.19 8.08 -23.83
N LYS A 396 21.45 9.09 -24.27
CA LYS A 396 21.68 9.71 -25.58
C LYS A 396 23.08 10.29 -25.75
N GLU A 397 23.71 10.65 -24.66
CA GLU A 397 25.11 11.09 -24.65
C GLU A 397 26.11 9.96 -24.43
N GLY A 398 25.65 8.71 -24.50
CA GLY A 398 26.56 7.59 -24.44
C GLY A 398 26.69 6.82 -23.15
N TRP A 399 25.95 7.23 -22.11
CA TRP A 399 26.09 6.58 -20.81
C TRP A 399 25.09 5.42 -20.76
N ARG A 400 25.44 4.44 -19.94
CA ARG A 400 24.50 3.33 -19.57
C ARG A 400 24.79 3.02 -18.14
N PRO A 401 23.75 2.64 -17.36
CA PRO A 401 23.95 2.28 -16.00
C PRO A 401 24.74 0.92 -15.99
N ARG A 402 25.34 0.60 -14.85
CA ARG A 402 26.09 -0.67 -14.64
C ARG A 402 25.10 -1.88 -14.88
N ARG A 403 23.98 -1.81 -14.16
CA ARG A 403 22.87 -2.84 -14.25
C ARG A 403 21.69 -2.33 -15.08
N THR A 404 20.85 -3.26 -15.50
CA THR A 404 19.65 -2.96 -16.25
C THR A 404 18.64 -2.25 -15.30
N ILE A 405 18.02 -1.19 -15.83
CA ILE A 405 16.90 -0.53 -15.12
C ILE A 405 15.65 -0.79 -15.91
N LEU A 406 14.60 -1.31 -15.21
CA LEU A 406 13.28 -1.54 -15.75
C LEU A 406 12.34 -0.46 -15.13
N PHE A 407 11.56 0.13 -16.03
CA PHE A 407 10.56 1.14 -15.64
C PHE A 407 9.19 0.56 -16.00
N ALA A 408 8.26 0.71 -15.06
CA ALA A 408 6.92 0.19 -15.24
C ALA A 408 5.84 1.21 -14.92
N SER A 409 4.83 1.20 -15.79
CA SER A 409 3.58 1.96 -15.61
C SER A 409 2.52 0.90 -15.46
N TRP A 410 2.18 0.60 -14.21
CA TRP A 410 1.28 -0.58 -13.96
C TRP A 410 -0.19 -0.20 -14.14
N ASP A 411 -0.99 -1.18 -14.54
CA ASP A 411 -2.43 -0.95 -14.64
C ASP A 411 -3.16 -1.65 -13.52
N ALA A 412 -4.44 -1.28 -13.34
CA ALA A 412 -5.32 -1.95 -12.41
C ALA A 412 -4.77 -2.07 -10.97
N GLU A 413 -3.95 -1.11 -10.55
CA GLU A 413 -3.50 -1.14 -9.14
C GLU A 413 -4.73 -0.92 -8.25
N GLU A 414 -5.64 -0.04 -8.68
CA GLU A 414 -6.77 0.28 -7.78
C GLU A 414 -7.72 -0.85 -7.56
N PHE A 415 -7.63 -1.90 -8.41
CA PHE A 415 -8.50 -3.02 -8.32
C PHE A 415 -7.84 -4.24 -7.66
N GLY A 416 -6.70 -4.00 -6.97
CA GLY A 416 -6.04 -5.09 -6.23
C GLY A 416 -4.61 -5.36 -6.64
N LEU A 417 -3.92 -4.38 -7.10
CA LEU A 417 -2.48 -4.53 -7.46
C LEU A 417 -2.38 -5.58 -8.61
N LEU A 418 -3.35 -5.48 -9.53
CA LEU A 418 -3.49 -6.55 -10.51
C LEU A 418 -2.39 -6.56 -11.58
N GLY A 419 -2.11 -5.41 -12.16
CA GLY A 419 -1.09 -5.29 -13.20
C GLY A 419 0.32 -5.69 -12.75
N SER A 420 0.74 -5.19 -11.59
CA SER A 420 2.09 -5.48 -11.12
C SER A 420 2.12 -6.99 -10.85
N THR A 421 1.07 -7.48 -10.20
CA THR A 421 1.10 -8.89 -9.70
C THR A 421 1.05 -9.85 -10.88
N GLU A 422 0.22 -9.61 -11.89
CA GLU A 422 0.17 -10.55 -13.01
C GLU A 422 1.52 -10.51 -13.75
N TRP A 423 2.12 -9.34 -13.96
CA TRP A 423 3.42 -9.30 -14.63
C TRP A 423 4.48 -10.04 -13.83
N ALA A 424 4.48 -9.86 -12.52
CA ALA A 424 5.48 -10.56 -11.70
C ALA A 424 5.21 -12.05 -11.73
N GLU A 425 3.94 -12.48 -11.78
CA GLU A 425 3.65 -13.94 -11.88
C GLU A 425 4.23 -14.46 -13.20
N GLU A 426 4.06 -13.68 -14.26
CA GLU A 426 4.58 -14.10 -15.55
C GLU A 426 6.11 -14.22 -15.52
N ASN A 427 6.75 -13.26 -14.87
CA ASN A 427 8.21 -13.15 -14.94
C ASN A 427 8.89 -13.56 -13.67
N SER A 428 8.22 -14.38 -12.86
CA SER A 428 8.74 -14.62 -11.50
C SER A 428 10.17 -15.27 -11.53
N ARG A 429 10.44 -16.14 -12.50
CA ARG A 429 11.81 -16.76 -12.52
C ARG A 429 12.88 -15.74 -12.83
N LEU A 430 12.60 -14.82 -13.75
CA LEU A 430 13.61 -13.81 -14.03
C LEU A 430 13.79 -12.92 -12.80
N LEU A 431 12.68 -12.54 -12.12
CA LEU A 431 12.79 -11.63 -11.04
C LEU A 431 13.47 -12.26 -9.83
N GLN A 432 13.17 -13.55 -9.57
CA GLN A 432 13.78 -14.04 -8.38
CA GLN A 432 13.75 -14.39 -8.51
C GLN A 432 15.27 -14.36 -8.57
N GLU A 433 15.75 -14.60 -9.80
CA GLU A 433 17.19 -14.86 -9.97
C GLU A 433 17.95 -13.60 -10.38
N ARG A 434 17.24 -12.53 -10.74
CA ARG A 434 17.94 -11.34 -11.29
C ARG A 434 17.57 -10.04 -10.60
N GLY A 435 16.56 -10.07 -9.74
CA GLY A 435 15.98 -8.81 -9.20
C GLY A 435 16.78 -8.25 -8.06
N VAL A 436 17.39 -7.10 -8.29
CA VAL A 436 18.14 -6.47 -7.26
C VAL A 436 17.25 -5.70 -6.27
N ALA A 437 16.39 -4.84 -6.84
CA ALA A 437 15.57 -3.97 -6.00
C ALA A 437 14.40 -3.44 -6.75
N TYR A 438 13.37 -3.12 -5.97
CA TYR A 438 12.15 -2.50 -6.52
C TYR A 438 11.89 -1.22 -5.72
N ILE A 439 11.77 -0.10 -6.48
CA ILE A 439 11.37 1.16 -5.90
C ILE A 439 9.97 1.52 -6.44
N ASN A 440 9.05 1.70 -5.51
CA ASN A 440 7.66 2.03 -5.91
C ASN A 440 7.53 3.51 -6.23
N ALA A 441 6.49 3.85 -7.00
CA ALA A 441 6.33 5.29 -7.39
C ALA A 441 4.84 5.61 -7.57
N ASP A 442 4.07 5.40 -6.52
CA ASP A 442 2.69 5.91 -6.47
C ASP A 442 2.80 7.39 -6.01
N SER A 443 1.72 7.89 -5.40
CA SER A 443 1.63 9.35 -5.11
C SER A 443 2.91 9.93 -4.54
N SER A 444 3.37 11.04 -5.16
CA SER A 444 4.60 11.70 -4.67
C SER A 444 4.38 12.55 -3.43
N ILE A 445 3.11 12.93 -3.16
CA ILE A 445 2.80 13.79 -2.04
C ILE A 445 1.51 13.33 -1.37
N GLU A 446 1.42 13.44 -0.05
CA GLU A 446 0.14 13.30 0.70
C GLU A 446 0.09 14.41 1.76
N GLY A 447 1.02 15.33 1.63
CA GLY A 447 1.19 16.47 2.54
C GLY A 447 2.41 17.26 2.08
N ASN A 448 2.75 18.32 2.81
CA ASN A 448 3.87 19.18 2.41
C ASN A 448 4.84 19.43 3.55
N TYR A 449 4.83 18.52 4.52
CA TYR A 449 5.55 18.75 5.77
C TYR A 449 6.97 18.17 5.73
N THR A 450 7.09 16.87 5.44
CA THR A 450 8.46 16.31 5.43
C THR A 450 8.47 15.02 4.60
N LEU A 451 9.65 14.46 4.41
CA LEU A 451 9.78 13.15 3.74
C LEU A 451 9.24 11.99 4.53
N ARG A 452 8.70 10.99 3.80
CA ARG A 452 8.29 9.71 4.36
C ARG A 452 9.01 8.63 3.53
N VAL A 453 9.69 7.69 4.21
CA VAL A 453 10.30 6.56 3.49
C VAL A 453 9.86 5.31 4.27
N ASP A 454 9.36 4.30 3.53
CA ASP A 454 9.10 2.93 4.11
C ASP A 454 9.96 1.99 3.26
N CYS A 455 10.81 1.15 3.84
CA CYS A 455 11.63 0.30 3.01
C CYS A 455 12.23 -0.82 3.85
N THR A 456 12.84 -1.73 3.12
CA THR A 456 13.63 -2.80 3.78
C THR A 456 14.82 -2.18 4.56
N PRO A 457 15.16 -2.75 5.72
CA PRO A 457 16.41 -2.34 6.40
C PRO A 457 17.61 -2.32 5.46
N LEU A 458 17.63 -3.17 4.42
CA LEU A 458 18.80 -3.22 3.52
C LEU A 458 19.05 -1.87 2.81
N MET A 459 18.02 -1.04 2.73
CA MET A 459 18.15 0.30 2.13
C MET A 459 18.32 1.46 3.08
N TYR A 460 18.32 1.24 4.39
CA TYR A 460 18.43 2.34 5.36
C TYR A 460 19.65 3.23 5.11
N SER A 461 20.82 2.60 5.01
CA SER A 461 22.10 3.34 4.76
CA SER A 461 22.06 3.37 4.79
C SER A 461 22.09 4.10 3.44
N LEU A 462 21.61 3.48 2.38
CA LEU A 462 21.52 4.10 1.07
C LEU A 462 20.64 5.39 1.21
N VAL A 463 19.52 5.27 1.92
CA VAL A 463 18.58 6.42 2.05
C VAL A 463 19.20 7.52 2.90
N HIS A 464 19.85 7.15 4.01
CA HIS A 464 20.57 8.13 4.88
C HIS A 464 21.59 8.88 4.03
N ASN A 465 22.40 8.13 3.27
CA ASN A 465 23.51 8.77 2.54
C ASN A 465 22.99 9.66 1.41
N LEU A 466 21.93 9.22 0.74
CA LEU A 466 21.48 9.98 -0.42
C LEU A 466 20.86 11.28 0.06
N THR A 467 20.06 11.19 1.11
CA THR A 467 19.35 12.38 1.62
C THR A 467 20.30 13.40 2.23
N LYS A 468 21.46 12.96 2.68
CA LYS A 468 22.51 13.95 3.13
C LYS A 468 23.10 14.77 1.99
N GLU A 469 22.92 14.35 0.75
CA GLU A 469 23.50 14.98 -0.43
C GLU A 469 22.43 15.75 -1.22
N LEU A 470 21.19 15.68 -0.76
CA LEU A 470 20.10 16.41 -1.43
C LEU A 470 19.74 17.65 -0.63
N LYS A 471 19.28 18.69 -1.33
CA LYS A 471 18.85 19.96 -0.71
C LYS A 471 17.46 19.84 -0.11
N SER A 472 17.25 20.33 1.09
CA SER A 472 15.91 20.36 1.65
C SER A 472 15.06 21.40 0.90
N PRO A 473 13.83 21.03 0.56
CA PRO A 473 12.94 21.99 -0.09
C PRO A 473 12.16 22.77 0.95
N ASP A 474 12.37 22.51 2.26
CA ASP A 474 11.49 23.02 3.33
C ASP A 474 11.80 24.49 3.62
N GLU A 475 10.77 25.28 3.87
CA GLU A 475 11.05 26.65 4.32
C GLU A 475 11.68 26.63 5.72
N GLY A 476 12.72 27.44 5.90
CA GLY A 476 13.42 27.40 7.15
C GLY A 476 14.66 26.52 7.08
N PHE A 477 14.79 25.69 6.05
CA PHE A 477 15.97 24.83 5.89
C PHE A 477 16.66 25.10 4.59
N GLU A 478 16.57 26.35 4.12
CA GLU A 478 17.24 26.74 2.92
C GLU A 478 18.73 26.50 3.16
N GLY A 479 19.42 25.93 2.18
CA GLY A 479 20.84 25.59 2.34
C GLY A 479 21.18 24.40 3.26
N LYS A 480 20.17 23.75 3.81
CA LYS A 480 20.40 22.56 4.60
C LYS A 480 20.03 21.32 3.78
N SER A 481 20.54 20.18 4.24
CA SER A 481 20.30 18.89 3.55
C SER A 481 18.87 18.45 3.85
N LEU A 482 18.36 17.65 2.91
CA LEU A 482 17.07 16.92 3.14
C LEU A 482 17.20 16.01 4.39
N TYR A 483 18.36 15.36 4.57
CA TYR A 483 18.51 14.58 5.77
C TYR A 483 18.26 15.37 7.03
N GLU A 484 18.83 16.59 7.05
CA GLU A 484 18.70 17.43 8.23
C GLU A 484 17.23 17.83 8.54
N SER A 485 16.49 18.21 7.49
CA SER A 485 15.11 18.67 7.70
C SER A 485 14.22 17.50 8.06
N TRP A 486 14.44 16.41 7.34
CA TRP A 486 13.70 15.16 7.61
C TRP A 486 13.91 14.65 9.03
N THR A 487 15.18 14.59 9.49
CA THR A 487 15.45 14.11 10.81
C THR A 487 14.85 15.04 11.87
N LYS A 488 14.93 16.35 11.63
CA LYS A 488 14.34 17.28 12.57
C LYS A 488 12.84 17.13 12.69
N LYS A 489 12.13 17.04 11.57
CA LYS A 489 10.66 16.96 11.57
C LYS A 489 10.08 15.60 11.84
N SER A 490 10.86 14.55 11.54
CA SER A 490 10.41 13.19 11.76
C SER A 490 11.46 12.32 12.45
N PRO A 491 11.70 12.59 13.75
CA PRO A 491 12.76 11.89 14.45
C PRO A 491 12.47 10.39 14.59
N SER A 492 13.48 9.56 14.38
CA SER A 492 13.33 8.15 14.63
C SER A 492 12.92 7.93 16.10
N PRO A 493 11.97 7.02 16.38
CA PRO A 493 11.66 6.70 17.78
C PRO A 493 12.86 6.07 18.50
N GLU A 494 13.60 5.21 17.80
CA GLU A 494 14.74 4.52 18.40
C GLU A 494 16.06 5.32 18.57
N PHE A 495 16.43 6.14 17.59
CA PHE A 495 17.85 6.47 17.46
C PHE A 495 18.34 7.87 17.82
N SER A 496 17.63 8.93 17.43
CA SER A 496 18.07 10.28 17.82
C SER A 496 19.28 10.70 16.96
N GLY A 497 19.10 11.79 16.21
CA GLY A 497 20.07 12.20 15.20
C GLY A 497 19.81 11.46 13.90
N MET A 498 18.82 10.55 13.96
CA MET A 498 18.31 9.77 12.78
C MET A 498 16.81 9.98 12.49
N PRO A 499 16.39 9.84 11.22
CA PRO A 499 15.01 10.02 10.77
C PRO A 499 14.19 8.73 10.92
N ARG A 500 12.87 8.87 11.01
CA ARG A 500 11.96 7.73 11.04
C ARG A 500 11.94 7.06 9.66
N ILE A 501 12.09 5.72 9.64
CA ILE A 501 11.87 4.98 8.38
C ILE A 501 10.99 3.81 8.78
N SER A 502 9.86 3.65 8.10
CA SER A 502 8.83 2.74 8.51
C SER A 502 9.05 1.40 7.78
N LYS A 503 8.49 0.35 8.36
CA LYS A 503 8.53 -0.92 7.61
CA LYS A 503 8.39 -0.97 7.70
C LYS A 503 7.51 -0.81 6.46
N LEU A 504 7.71 -1.61 5.44
CA LEU A 504 6.72 -1.67 4.35
C LEU A 504 5.52 -2.37 4.87
N GLY A 505 4.34 -1.81 4.53
CA GLY A 505 3.07 -2.53 4.76
C GLY A 505 2.64 -3.08 3.40
N SER A 506 1.38 -2.78 3.00
CA SER A 506 0.94 -3.18 1.63
C SER A 506 -0.14 -2.20 1.17
N GLY A 507 -0.95 -2.62 0.20
CA GLY A 507 -1.88 -1.65 -0.43
C GLY A 507 -1.16 -0.87 -1.53
N ASN A 508 -0.04 -1.44 -2.07
CA ASN A 508 0.61 -0.84 -3.24
C ASN A 508 1.44 -1.83 -3.99
N ASP A 509 1.95 -1.41 -5.15
CA ASP A 509 2.45 -2.39 -6.13
C ASP A 509 3.79 -3.07 -5.78
N PHE A 510 4.41 -2.66 -4.70
CA PHE A 510 5.60 -3.41 -4.28
C PHE A 510 5.23 -4.74 -3.63
N GLU A 511 3.96 -5.03 -3.34
CA GLU A 511 3.65 -6.21 -2.49
C GLU A 511 4.16 -7.51 -3.15
N VAL A 512 3.94 -7.68 -4.46
CA VAL A 512 4.35 -8.94 -5.06
C VAL A 512 5.89 -9.05 -5.03
N PHE A 513 6.56 -7.92 -5.29
CA PHE A 513 8.03 -7.97 -5.29
C PHE A 513 8.64 -8.24 -3.92
N PHE A 514 8.08 -7.65 -2.91
CA PHE A 514 8.68 -7.76 -1.57
C PHE A 514 8.16 -8.98 -0.81
N GLN A 515 6.86 -9.01 -0.51
CA GLN A 515 6.37 -10.10 0.34
C GLN A 515 6.18 -11.45 -0.41
N ARG A 516 5.95 -11.45 -1.73
CA ARG A 516 5.92 -12.73 -2.42
C ARG A 516 7.32 -13.19 -2.84
N LEU A 517 8.02 -12.34 -3.59
CA LEU A 517 9.27 -12.74 -4.23
C LEU A 517 10.54 -12.44 -3.41
N GLY A 518 10.48 -11.56 -2.42
CA GLY A 518 11.67 -11.32 -1.58
C GLY A 518 12.69 -10.48 -2.30
N ILE A 519 12.25 -9.45 -3.03
CA ILE A 519 13.20 -8.51 -3.68
C ILE A 519 13.19 -7.24 -2.80
N ALA A 520 14.38 -6.76 -2.47
CA ALA A 520 14.51 -5.60 -1.58
C ALA A 520 13.67 -4.47 -2.19
N SER A 521 12.83 -3.84 -1.36
CA SER A 521 11.86 -2.84 -1.91
C SER A 521 11.87 -1.61 -1.03
N GLY A 522 11.48 -0.48 -1.67
CA GLY A 522 11.36 0.78 -0.89
C GLY A 522 10.32 1.71 -1.60
N ARG A 523 9.91 2.73 -0.85
CA ARG A 523 9.00 3.80 -1.39
C ARG A 523 9.34 5.09 -0.62
N ALA A 524 9.04 6.25 -1.25
CA ALA A 524 9.31 7.54 -0.57
C ALA A 524 8.29 8.54 -1.12
N ARG A 525 7.86 9.45 -0.25
CA ARG A 525 6.98 10.55 -0.73
C ARG A 525 7.04 11.64 0.28
N TYR A 526 6.46 12.79 -0.09
CA TYR A 526 6.27 13.83 0.93
C TYR A 526 4.96 13.61 1.66
N THR A 527 4.93 13.95 2.94
CA THR A 527 3.82 13.55 3.77
C THR A 527 3.48 14.70 4.75
N LYS A 528 2.45 14.50 5.53
CA LYS A 528 1.96 15.53 6.46
C LYS A 528 2.63 15.30 7.80
N ASN A 529 2.37 16.20 8.76
CA ASN A 529 2.84 16.01 10.13
C ASN A 529 1.76 15.24 10.84
N TRP A 530 2.03 13.99 11.18
CA TRP A 530 1.01 13.12 11.73
C TRP A 530 0.69 13.49 13.17
N GLU A 531 1.66 14.07 13.87
CA GLU A 531 1.45 14.60 15.21
C GLU A 531 0.27 15.56 15.24
N THR A 532 0.44 16.73 14.62
CA THR A 532 -0.53 17.80 14.71
C THR A 532 -1.75 17.59 13.81
N ASN A 533 -1.90 16.40 13.24
CA ASN A 533 -3.05 16.08 12.38
C ASN A 533 -3.70 14.73 12.73
N LYS A 534 -4.98 14.74 13.12
CA LYS A 534 -5.76 13.53 13.43
C LYS A 534 -6.39 12.78 12.20
N PHE A 535 -6.54 13.47 11.06
CA PHE A 535 -7.17 12.87 9.86
C PHE A 535 -6.38 11.72 9.17
N SER A 536 -7.08 10.91 8.36
CA SER A 536 -6.53 9.73 7.64
C SER A 536 -5.99 10.06 6.23
N GLY A 537 -4.82 9.52 5.92
CA GLY A 537 -4.19 9.86 4.65
C GLY A 537 -4.41 11.33 4.30
N TYR A 538 -4.87 11.60 3.07
CA TYR A 538 -5.21 13.02 2.72
C TYR A 538 -6.71 13.05 2.47
N PRO A 539 -7.36 14.22 2.73
CA PRO A 539 -8.82 14.16 2.72
C PRO A 539 -9.53 13.83 1.41
N LEU A 540 -8.96 14.19 0.29
CA LEU A 540 -9.66 14.05 -1.03
C LEU A 540 -9.29 12.72 -1.66
N TYR A 541 -8.63 11.85 -0.89
CA TYR A 541 -8.30 10.48 -1.44
C TYR A 541 -9.43 9.77 -2.16
N HIS A 542 -9.20 9.38 -3.43
CA HIS A 542 -10.09 8.51 -4.27
C HIS A 542 -11.46 9.18 -4.55
N SER A 543 -11.46 10.50 -4.37
CA SER A 543 -12.63 11.34 -4.73
CA SER A 543 -12.63 11.33 -4.73
C SER A 543 -12.43 12.04 -6.09
N VAL A 544 -13.56 12.49 -6.67
CA VAL A 544 -13.51 13.20 -7.96
C VAL A 544 -12.72 14.50 -7.77
N TYR A 545 -12.56 14.96 -6.52
CA TYR A 545 -11.89 16.26 -6.26
C TYR A 545 -10.35 16.23 -6.31
N GLU A 546 -9.78 15.00 -6.41
CA GLU A 546 -8.34 14.85 -6.56
C GLU A 546 -7.92 15.20 -7.97
N THR A 547 -7.57 16.47 -8.20
CA THR A 547 -7.31 17.02 -9.52
C THR A 547 -5.96 17.67 -9.63
N TYR A 548 -5.57 18.02 -10.85
CA TYR A 548 -4.39 18.85 -11.04
C TYR A 548 -4.46 20.13 -10.19
N GLU A 549 -5.66 20.73 -10.12
CA GLU A 549 -5.78 21.98 -9.33
C GLU A 549 -5.53 21.81 -7.85
N LEU A 550 -5.97 20.68 -7.32
CA LEU A 550 -5.72 20.42 -5.93
C LEU A 550 -4.26 20.50 -5.66
N VAL A 551 -3.48 19.82 -6.51
CA VAL A 551 -2.05 19.82 -6.34
C VAL A 551 -1.37 21.19 -6.54
N GLU A 552 -1.62 21.83 -7.69
CA GLU A 552 -0.98 23.09 -8.08
C GLU A 552 -1.38 24.25 -7.13
N LYS A 553 -2.61 24.18 -6.60
CA LYS A 553 -3.08 25.29 -5.73
C LYS A 553 -2.75 25.07 -4.26
N PHE A 554 -2.85 23.83 -3.77
CA PHE A 554 -2.84 23.65 -2.35
C PHE A 554 -1.70 22.80 -1.84
N TYR A 555 -1.20 21.87 -2.66
CA TYR A 555 -0.13 21.02 -2.12
C TYR A 555 1.25 21.45 -2.48
N ASP A 556 1.50 21.77 -3.76
CA ASP A 556 2.88 21.98 -4.22
C ASP A 556 2.99 22.90 -5.38
N PRO A 557 2.60 24.21 -5.16
CA PRO A 557 2.54 25.07 -6.34
C PRO A 557 3.82 25.27 -7.08
N MET A 558 4.97 25.17 -6.41
CA MET A 558 6.26 25.30 -7.07
C MET A 558 6.81 23.92 -7.55
N PHE A 559 6.09 22.86 -7.26
CA PHE A 559 6.58 21.51 -7.67
C PHE A 559 7.92 21.13 -7.07
N LYS A 560 8.25 21.81 -5.98
CA LYS A 560 9.54 21.55 -5.29
C LYS A 560 9.50 20.26 -4.44
N TYR A 561 8.33 19.90 -3.90
CA TYR A 561 8.26 18.62 -3.15
C TYR A 561 8.28 17.47 -4.14
N HIS A 562 7.55 17.60 -5.26
CA HIS A 562 7.65 16.64 -6.37
C HIS A 562 9.11 16.46 -6.82
N LEU A 563 9.82 17.59 -7.03
CA LEU A 563 11.20 17.47 -7.48
C LEU A 563 12.05 16.73 -6.44
N THR A 564 11.87 17.02 -5.18
CA THR A 564 12.64 16.38 -4.07
C THR A 564 12.36 14.86 -4.12
N VAL A 565 11.08 14.53 -4.25
CA VAL A 565 10.72 13.09 -4.36
C VAL A 565 11.30 12.48 -5.60
N ALA A 566 11.30 13.16 -6.75
CA ALA A 566 11.98 12.60 -7.93
C ALA A 566 13.48 12.38 -7.65
N GLN A 567 14.08 13.30 -6.92
CA GLN A 567 15.49 13.11 -6.55
C GLN A 567 15.73 11.90 -5.63
N VAL A 568 14.87 11.70 -4.64
CA VAL A 568 14.97 10.54 -3.70
C VAL A 568 14.72 9.26 -4.50
N ARG A 569 13.59 9.17 -5.20
CA ARG A 569 13.33 7.91 -5.97
C ARG A 569 14.40 7.66 -7.03
N GLY A 570 14.70 8.69 -7.83
CA GLY A 570 15.65 8.55 -8.95
C GLY A 570 17.08 8.30 -8.44
N GLY A 571 17.46 8.97 -7.35
CA GLY A 571 18.77 8.84 -6.71
C GLY A 571 18.93 7.42 -6.21
N MET A 572 17.86 6.88 -5.65
CA MET A 572 17.92 5.45 -5.19
C MET A 572 18.11 4.50 -6.33
N VAL A 573 17.35 4.65 -7.45
CA VAL A 573 17.47 3.79 -8.60
C VAL A 573 18.89 3.95 -9.16
N PHE A 574 19.37 5.21 -9.28
CA PHE A 574 20.72 5.44 -9.77
C PHE A 574 21.80 4.65 -9.01
N GLU A 575 21.81 4.77 -7.70
CA GLU A 575 22.83 4.12 -6.80
C GLU A 575 22.68 2.58 -6.92
N LEU A 576 21.43 2.09 -6.84
CA LEU A 576 21.20 0.63 -7.04
C LEU A 576 21.68 0.09 -8.36
N ALA A 577 21.47 0.86 -9.45
CA ALA A 577 21.81 0.36 -10.76
C ALA A 577 23.28 0.62 -11.09
N ASN A 578 23.93 1.51 -10.32
CA ASN A 578 25.33 1.96 -10.71
C ASN A 578 26.46 1.71 -9.79
N SER A 579 26.20 1.58 -8.50
CA SER A 579 27.25 1.33 -7.51
C SER A 579 27.92 0.01 -7.82
N ILE A 580 29.26 0.01 -7.70
CA ILE A 580 29.95 -1.24 -8.00
C ILE A 580 29.53 -2.34 -7.04
N VAL A 581 29.57 -2.02 -5.76
CA VAL A 581 29.03 -2.94 -4.75
C VAL A 581 27.59 -2.48 -4.53
N LEU A 582 26.66 -3.45 -4.52
CA LEU A 582 25.29 -3.04 -4.18
C LEU A 582 25.21 -2.31 -2.88
N PRO A 583 24.36 -1.24 -2.84
CA PRO A 583 24.32 -0.37 -1.69
C PRO A 583 23.35 -0.79 -0.58
N PHE A 584 23.56 -2.02 -0.07
CA PHE A 584 22.78 -2.60 0.97
C PHE A 584 23.72 -2.86 2.12
N ASP A 585 23.26 -2.61 3.33
CA ASP A 585 24.03 -2.88 4.54
C ASP A 585 23.32 -3.96 5.37
N CYS A 586 23.81 -5.20 5.24
CA CYS A 586 23.21 -6.26 6.04
C CYS A 586 23.19 -6.05 7.52
N ARG A 587 24.13 -5.24 8.08
CA ARG A 587 24.10 -5.01 9.49
C ARG A 587 22.84 -4.26 9.97
N ASP A 588 22.22 -3.49 9.08
CA ASP A 588 20.99 -2.83 9.45
C ASP A 588 19.85 -3.84 9.63
N TYR A 589 19.87 -4.94 8.86
CA TYR A 589 18.85 -5.95 9.13
C TYR A 589 19.09 -6.58 10.48
N ALA A 590 20.37 -6.77 10.84
CA ALA A 590 20.61 -7.36 12.17
C ALA A 590 20.05 -6.57 13.36
N VAL A 591 20.16 -5.23 13.32
CA VAL A 591 19.62 -4.38 14.32
C VAL A 591 18.08 -4.48 14.40
N VAL A 592 17.41 -4.45 13.25
CA VAL A 592 15.96 -4.52 13.33
C VAL A 592 15.44 -5.88 13.72
N LEU A 593 16.15 -6.96 13.31
CA LEU A 593 15.71 -8.30 13.74
C LEU A 593 15.75 -8.42 15.24
N ARG A 594 16.74 -7.80 15.89
CA ARG A 594 16.71 -7.82 17.38
C ARG A 594 15.55 -7.05 17.99
N LYS A 595 15.25 -5.86 17.44
CA LYS A 595 14.10 -5.09 17.84
C LYS A 595 12.80 -5.90 17.67
N TYR A 596 12.63 -6.57 16.53
CA TYR A 596 11.40 -7.37 16.33
C TYR A 596 11.38 -8.60 17.22
N ALA A 597 12.54 -9.22 17.47
CA ALA A 597 12.52 -10.33 18.43
C ALA A 597 12.13 -9.89 19.85
N ASP A 598 12.73 -8.80 20.34
CA ASP A 598 12.28 -8.22 21.62
C ASP A 598 10.76 -7.95 21.67
N LYS A 599 10.21 -7.42 20.56
CA LYS A 599 8.83 -7.04 20.54
C LYS A 599 7.94 -8.26 20.61
N ILE A 600 8.24 -9.29 19.81
CA ILE A 600 7.36 -10.46 19.81
C ILE A 600 7.48 -11.26 21.13
N TYR A 601 8.69 -11.34 21.70
CA TYR A 601 8.86 -11.94 23.02
C TYR A 601 8.01 -11.15 24.09
N SER A 602 7.99 -9.83 24.01
CA SER A 602 7.22 -9.02 24.96
C SER A 602 5.76 -9.29 24.85
N ILE A 603 5.27 -9.49 23.60
CA ILE A 603 3.89 -9.89 23.43
C ILE A 603 3.56 -11.22 24.13
N SER A 604 4.43 -12.22 23.92
CA SER A 604 4.20 -13.55 24.45
C SER A 604 4.21 -13.51 25.99
N MET A 605 5.11 -12.69 26.51
CA MET A 605 5.32 -12.60 27.98
C MET A 605 4.17 -11.97 28.74
N LYS A 606 3.15 -11.49 28.05
CA LYS A 606 1.89 -11.15 28.70
C LYS A 606 1.16 -12.40 29.20
N HIS A 607 1.66 -13.58 28.82
CA HIS A 607 1.07 -14.89 29.18
C HIS A 607 2.08 -15.81 29.86
N PRO A 608 2.67 -15.36 31.01
CA PRO A 608 3.78 -16.10 31.61
C PRO A 608 3.36 -17.47 32.06
N GLN A 609 2.13 -17.64 32.57
CA GLN A 609 1.70 -18.95 33.01
C GLN A 609 1.68 -19.96 31.85
N GLU A 610 1.13 -19.54 30.71
CA GLU A 610 1.12 -20.46 29.57
C GLU A 610 2.50 -20.73 29.01
N MET A 611 3.43 -19.77 29.06
CA MET A 611 4.74 -20.00 28.54
C MET A 611 5.42 -21.07 29.41
N LYS A 612 5.14 -21.03 30.72
CA LYS A 612 5.61 -22.11 31.60
C LYS A 612 5.01 -23.48 31.31
N THR A 613 3.68 -23.55 31.25
CA THR A 613 2.94 -24.78 31.03
C THR A 613 3.33 -25.44 29.76
N TYR A 614 3.45 -24.65 28.68
CA TYR A 614 3.73 -25.27 27.39
C TYR A 614 5.18 -25.19 26.95
N SER A 615 6.05 -24.70 27.85
CA SER A 615 7.49 -24.66 27.59
CA SER A 615 7.46 -24.69 27.57
C SER A 615 7.79 -23.85 26.31
N VAL A 616 7.26 -22.64 26.29
CA VAL A 616 7.38 -21.74 25.12
C VAL A 616 8.65 -20.92 25.30
N SER A 617 9.68 -21.23 24.51
CA SER A 617 10.95 -20.49 24.59
C SER A 617 11.26 -19.74 23.32
N PHE A 618 11.73 -18.51 23.48
CA PHE A 618 12.24 -17.73 22.35
C PHE A 618 13.73 -17.87 22.21
N ASP A 619 14.37 -18.79 22.97
CA ASP A 619 15.81 -18.88 22.88
C ASP A 619 16.35 -19.13 21.49
N SER A 620 15.70 -20.00 20.70
CA SER A 620 16.19 -20.23 19.37
C SER A 620 16.16 -18.98 18.48
N LEU A 621 15.10 -18.17 18.63
CA LEU A 621 15.03 -16.97 17.79
C LEU A 621 16.12 -15.93 18.16
N PHE A 622 16.31 -15.70 19.47
CA PHE A 622 17.41 -14.83 19.87
C PHE A 622 18.78 -15.34 19.46
N SER A 623 18.97 -16.66 19.52
CA SER A 623 20.21 -17.26 19.02
C SER A 623 20.46 -17.01 17.55
N ALA A 624 19.41 -17.22 16.74
CA ALA A 624 19.53 -16.95 15.35
C ALA A 624 19.82 -15.46 15.07
N VAL A 625 19.18 -14.57 15.83
CA VAL A 625 19.40 -13.12 15.61
C VAL A 625 20.85 -12.72 15.99
N LYS A 626 21.32 -13.31 17.10
CA LYS A 626 22.76 -13.17 17.47
C LYS A 626 23.70 -13.68 16.44
N ASN A 627 23.47 -14.88 15.85
CA ASN A 627 24.29 -15.34 14.82
C ASN A 627 24.27 -14.46 13.54
N PHE A 628 23.03 -13.96 13.21
CA PHE A 628 22.87 -13.12 12.08
C PHE A 628 23.77 -11.87 12.26
N THR A 629 23.73 -11.35 13.46
CA THR A 629 24.50 -10.11 13.79
C THR A 629 26.01 -10.38 13.63
N GLU A 630 26.48 -11.49 14.20
CA GLU A 630 27.91 -11.88 14.04
C GLU A 630 28.33 -12.14 12.62
N ILE A 631 27.56 -12.95 11.84
CA ILE A 631 27.90 -13.24 10.49
C ILE A 631 27.86 -11.99 9.59
N ALA A 632 26.85 -11.13 9.85
CA ALA A 632 26.69 -9.94 9.04
C ALA A 632 27.90 -8.98 9.28
N SER A 633 28.32 -8.91 10.54
CA SER A 633 29.53 -8.10 10.87
C SER A 633 30.78 -8.62 10.12
N LYS A 634 30.99 -9.94 10.11
CA LYS A 634 32.10 -10.49 9.36
C LYS A 634 31.98 -10.32 7.87
N PHE A 635 30.76 -10.49 7.31
CA PHE A 635 30.61 -10.31 5.92
C PHE A 635 30.93 -8.83 5.53
N SER A 636 30.48 -7.91 6.35
CA SER A 636 30.73 -6.47 6.12
CA SER A 636 30.73 -6.47 6.13
C SER A 636 32.25 -6.21 6.06
N GLU A 637 32.99 -6.80 6.98
CA GLU A 637 34.48 -6.69 6.93
C GLU A 637 35.07 -7.21 5.62
N ARG A 638 34.66 -8.41 5.17
CA ARG A 638 35.14 -8.87 3.89
C ARG A 638 34.77 -7.98 2.72
N LEU A 639 33.57 -7.40 2.79
CA LEU A 639 33.07 -6.58 1.72
C LEU A 639 33.95 -5.30 1.64
N GLN A 640 34.42 -4.87 2.79
CA GLN A 640 35.32 -3.70 2.93
C GLN A 640 36.68 -4.06 2.34
N ASP A 641 37.15 -5.27 2.68
CA ASP A 641 38.54 -5.72 2.54
C ASP A 641 38.79 -6.64 1.39
N PHE A 642 37.76 -7.03 0.66
CA PHE A 642 38.01 -7.99 -0.39
C PHE A 642 38.80 -7.34 -1.42
N ASP A 643 39.48 -8.19 -2.16
CA ASP A 643 40.29 -7.76 -3.28
C ASP A 643 39.40 -7.09 -4.30
N LYS A 644 39.52 -5.77 -4.43
CA LYS A 644 38.55 -4.97 -5.23
C LYS A 644 38.78 -5.16 -6.71
N SER A 645 39.98 -5.66 -7.11
CA SER A 645 40.15 -5.98 -8.52
C SER A 645 39.41 -7.29 -8.99
N ASN A 646 38.94 -8.13 -8.07
CA ASN A 646 38.38 -9.44 -8.53
C ASN A 646 36.83 -9.39 -8.69
N PRO A 647 36.34 -9.49 -9.93
CA PRO A 647 34.99 -9.23 -10.30
C PRO A 647 34.15 -10.41 -9.94
N ILE A 648 34.76 -11.61 -9.86
CA ILE A 648 33.97 -12.79 -9.51
C ILE A 648 33.77 -12.74 -8.04
N VAL A 649 34.80 -12.30 -7.30
CA VAL A 649 34.63 -12.12 -5.91
C VAL A 649 33.55 -11.04 -5.82
N LEU A 650 33.63 -10.03 -6.71
CA LEU A 650 32.69 -8.90 -6.56
C LEU A 650 31.22 -9.42 -6.84
N ARG A 651 31.06 -10.13 -7.94
CA ARG A 651 29.75 -10.74 -8.34
C ARG A 651 29.28 -11.71 -7.27
N MET A 652 30.16 -12.56 -6.70
CA MET A 652 29.81 -13.35 -5.48
CA MET A 652 29.76 -13.37 -5.54
C MET A 652 29.26 -12.55 -4.33
N MET A 653 29.97 -11.46 -3.95
CA MET A 653 29.53 -10.77 -2.79
C MET A 653 28.25 -9.95 -3.16
N ASN A 654 28.15 -9.50 -4.41
CA ASN A 654 26.88 -8.74 -4.88
C ASN A 654 25.73 -9.75 -4.86
N ASP A 655 25.97 -10.97 -5.29
CA ASP A 655 24.91 -11.99 -5.21
C ASP A 655 24.53 -12.29 -3.79
N GLN A 656 25.49 -12.35 -2.85
CA GLN A 656 25.10 -12.57 -1.48
C GLN A 656 24.21 -11.39 -1.01
N LEU A 657 24.58 -10.18 -1.42
CA LEU A 657 23.77 -9.01 -1.06
C LEU A 657 22.33 -9.04 -1.68
N MET A 658 22.26 -9.42 -2.95
CA MET A 658 21.00 -9.46 -3.69
C MET A 658 20.13 -10.56 -3.07
N PHE A 659 20.75 -11.71 -2.77
CA PHE A 659 19.88 -12.83 -2.31
C PHE A 659 19.61 -12.79 -0.81
N LEU A 660 20.08 -11.76 -0.07
CA LEU A 660 19.82 -11.71 1.35
C LEU A 660 18.30 -11.47 1.64
N GLU A 661 17.70 -10.47 0.98
CA GLU A 661 16.23 -10.31 1.12
C GLU A 661 15.54 -11.64 0.69
N ARG A 662 16.05 -12.28 -0.32
CA ARG A 662 15.43 -13.49 -0.91
C ARG A 662 15.41 -14.60 0.13
N ALA A 663 16.43 -14.58 1.03
CA ALA A 663 16.53 -15.67 1.99
C ALA A 663 15.43 -15.64 3.02
N PHE A 664 14.69 -14.52 3.18
CA PHE A 664 13.68 -14.49 4.19
C PHE A 664 12.37 -15.05 3.65
N ILE A 665 12.35 -15.49 2.38
CA ILE A 665 11.13 -16.12 1.77
C ILE A 665 11.03 -17.59 2.26
N ASP A 666 9.83 -17.98 2.70
CA ASP A 666 9.53 -19.42 2.97
C ASP A 666 8.66 -19.91 1.83
N PRO A 667 9.09 -20.93 1.09
CA PRO A 667 8.33 -21.29 -0.08
C PRO A 667 6.92 -21.85 0.34
N LEU A 668 6.73 -22.19 1.61
CA LEU A 668 5.41 -22.71 2.01
C LEU A 668 4.44 -21.58 2.37
N GLY A 669 4.95 -20.35 2.43
CA GLY A 669 4.10 -19.21 2.76
C GLY A 669 3.68 -19.14 4.23
N LEU A 670 2.93 -18.11 4.61
CA LEU A 670 2.38 -18.03 5.95
C LEU A 670 1.04 -18.74 6.00
N PRO A 671 0.60 -19.14 7.20
CA PRO A 671 -0.66 -19.90 7.30
C PRO A 671 -1.89 -19.32 6.59
N ASP A 672 -2.45 -20.11 5.67
CA ASP A 672 -3.60 -19.66 4.88
C ASP A 672 -3.36 -18.44 4.01
N ARG A 673 -2.09 -18.03 3.87
CA ARG A 673 -1.76 -16.86 3.02
C ARG A 673 -0.51 -17.23 2.22
N PRO A 674 -0.71 -18.08 1.21
CA PRO A 674 0.42 -18.64 0.50
C PRO A 674 1.27 -17.65 -0.27
N PHE A 675 0.71 -16.49 -0.59
CA PHE A 675 1.46 -15.47 -1.34
C PHE A 675 2.14 -14.45 -0.47
N TYR A 676 1.98 -14.61 0.85
CA TYR A 676 2.80 -13.83 1.79
C TYR A 676 3.88 -14.77 2.30
N ARG A 677 5.05 -14.68 1.71
CA ARG A 677 6.07 -15.74 1.95
C ARG A 677 7.26 -15.16 2.75
N HIS A 678 7.32 -13.85 2.94
CA HIS A 678 8.44 -13.27 3.69
C HIS A 678 8.18 -13.53 5.17
N VAL A 679 9.17 -14.09 5.89
CA VAL A 679 8.92 -14.48 7.29
C VAL A 679 9.08 -13.32 8.26
N ILE A 680 9.78 -12.29 7.81
CA ILE A 680 9.98 -11.15 8.74
C ILE A 680 8.86 -10.14 8.61
N TYR A 681 8.38 -9.91 7.38
CA TYR A 681 7.34 -8.85 7.13
C TYR A 681 6.13 -9.39 6.38
N ALA A 682 4.93 -9.17 6.91
CA ALA A 682 3.70 -9.40 6.10
C ALA A 682 2.77 -8.23 6.36
N PRO A 683 1.85 -7.99 5.42
CA PRO A 683 0.81 -7.01 5.75
C PRO A 683 0.03 -7.50 6.93
N SER A 684 -0.34 -6.61 7.86
CA SER A 684 -1.12 -7.01 9.00
C SER A 684 -2.41 -7.70 8.64
N SER A 685 -2.71 -8.81 9.29
CA SER A 685 -3.98 -9.55 9.09
C SER A 685 -5.23 -8.72 9.47
N HIS A 686 -5.02 -7.65 10.20
CA HIS A 686 -6.11 -6.73 10.58
C HIS A 686 -6.11 -5.44 9.82
N ASN A 687 -5.10 -5.23 8.99
CA ASN A 687 -4.96 -3.94 8.27
C ASN A 687 -3.91 -4.07 7.20
N LYS A 688 -4.34 -4.33 5.97
CA LYS A 688 -3.39 -4.50 4.88
C LYS A 688 -2.42 -3.37 4.70
N TYR A 689 -2.77 -2.14 5.11
CA TYR A 689 -1.83 -1.07 4.88
C TYR A 689 -0.60 -1.14 5.81
N ALA A 690 -0.75 -1.73 7.00
CA ALA A 690 0.28 -1.72 8.00
C ALA A 690 1.19 -2.96 7.84
N GLY A 691 2.50 -2.78 8.07
CA GLY A 691 3.35 -4.00 8.12
C GLY A 691 3.34 -4.60 9.51
N GLU A 692 3.41 -5.93 9.57
CA GLU A 692 3.61 -6.62 10.86
C GLU A 692 4.95 -7.34 10.78
N SER A 693 5.71 -7.29 11.90
CA SER A 693 6.96 -8.05 11.95
C SER A 693 6.77 -9.40 12.63
N PHE A 694 7.59 -10.40 12.21
CA PHE A 694 7.36 -11.80 12.66
C PHE A 694 5.87 -12.18 12.63
N PRO A 695 5.26 -11.98 11.43
CA PRO A 695 3.83 -12.09 11.35
C PRO A 695 3.31 -13.43 11.72
N GLY A 696 4.06 -14.49 11.39
CA GLY A 696 3.57 -15.85 11.72
C GLY A 696 3.42 -16.00 13.23
N ILE A 697 4.45 -15.51 13.97
CA ILE A 697 4.36 -15.62 15.48
C ILE A 697 3.28 -14.63 15.97
N TYR A 698 3.24 -13.42 15.42
CA TYR A 698 2.26 -12.46 15.83
C TYR A 698 0.84 -12.99 15.72
N ASP A 699 0.45 -13.54 14.55
CA ASP A 699 -0.89 -14.03 14.42
C ASP A 699 -1.15 -15.27 15.27
N ALA A 700 -0.15 -16.14 15.53
CA ALA A 700 -0.36 -17.24 16.46
C ALA A 700 -0.66 -16.75 17.88
N LEU A 701 -0.07 -15.65 18.24
CA LEU A 701 -0.33 -15.07 19.60
C LEU A 701 -1.58 -14.22 19.71
N PHE A 702 -2.04 -13.69 18.59
CA PHE A 702 -3.12 -12.71 18.66
C PHE A 702 -4.38 -13.34 19.22
N ASP A 703 -4.90 -12.64 20.23
CA ASP A 703 -6.16 -13.05 20.88
C ASP A 703 -6.10 -14.49 21.42
N ILE A 704 -4.91 -14.96 21.81
CA ILE A 704 -4.74 -16.38 22.10
C ILE A 704 -5.51 -16.80 23.38
N GLU A 705 -5.73 -15.84 24.29
CA GLU A 705 -6.46 -16.11 25.54
C GLU A 705 -7.91 -16.48 25.28
N SER A 706 -8.39 -16.31 24.04
CA SER A 706 -9.75 -16.65 23.63
C SER A 706 -9.87 -17.99 22.95
N LYS A 707 -8.74 -18.62 22.61
CA LYS A 707 -8.78 -19.90 21.93
C LYS A 707 -9.28 -21.01 22.86
N VAL A 708 -10.10 -21.93 22.36
CA VAL A 708 -10.66 -22.91 23.30
C VAL A 708 -9.71 -24.08 23.58
N ASP A 709 -8.74 -24.35 22.68
CA ASP A 709 -7.76 -25.41 22.93
C ASP A 709 -6.37 -24.76 23.11
N PRO A 710 -6.03 -24.32 24.34
CA PRO A 710 -4.77 -23.57 24.55
C PRO A 710 -3.53 -24.41 24.20
N SER A 711 -3.58 -25.71 24.46
CA SER A 711 -2.47 -26.57 24.10
C SER A 711 -2.12 -26.49 22.59
N LYS A 712 -3.15 -26.63 21.75
CA LYS A 712 -3.04 -26.48 20.32
C LYS A 712 -2.54 -25.07 19.95
N ALA A 713 -3.12 -24.05 20.58
CA ALA A 713 -2.77 -22.68 20.22
C ALA A 713 -1.30 -22.41 20.54
N TRP A 714 -0.84 -22.82 21.75
CA TRP A 714 0.55 -22.50 22.09
C TRP A 714 1.53 -23.40 21.32
N GLY A 715 1.11 -24.60 20.98
CA GLY A 715 1.85 -25.48 20.03
C GLY A 715 2.15 -24.73 18.75
N GLU A 716 1.16 -24.00 18.24
CA GLU A 716 1.32 -23.28 16.97
C GLU A 716 2.21 -22.09 17.19
N VAL A 717 2.12 -21.42 18.36
CA VAL A 717 3.11 -20.40 18.66
C VAL A 717 4.53 -20.97 18.57
N LYS A 718 4.76 -22.11 19.23
CA LYS A 718 6.09 -22.71 19.20
CA LYS A 718 6.08 -22.75 19.21
C LYS A 718 6.52 -23.09 17.78
N ARG A 719 5.56 -23.56 16.98
CA ARG A 719 5.86 -23.89 15.58
C ARG A 719 6.39 -22.63 14.82
N GLN A 720 5.70 -21.53 15.00
CA GLN A 720 6.07 -20.27 14.32
C GLN A 720 7.40 -19.73 14.86
N ILE A 721 7.68 -19.96 16.16
CA ILE A 721 9.03 -19.57 16.63
C ILE A 721 10.12 -20.37 15.92
N TYR A 722 9.91 -21.67 15.77
CA TYR A 722 10.84 -22.58 15.07
C TYR A 722 11.02 -22.14 13.62
N VAL A 723 9.90 -21.86 12.95
CA VAL A 723 10.03 -21.37 11.57
C VAL A 723 10.83 -20.04 11.44
N ALA A 724 10.53 -19.10 12.35
CA ALA A 724 11.24 -17.80 12.30
C ALA A 724 12.73 -17.94 12.64
N ALA A 725 13.04 -18.72 13.69
CA ALA A 725 14.47 -18.90 14.08
C ALA A 725 15.24 -19.59 12.97
N PHE A 726 14.61 -20.62 12.38
CA PHE A 726 15.21 -21.30 11.27
C PHE A 726 15.50 -20.34 10.09
N THR A 727 14.49 -19.52 9.75
CA THR A 727 14.62 -18.66 8.57
C THR A 727 15.70 -17.61 8.80
N VAL A 728 15.73 -17.08 10.03
CA VAL A 728 16.77 -16.09 10.36
C VAL A 728 18.18 -16.66 10.26
N GLN A 729 18.34 -17.89 10.85
CA GLN A 729 19.66 -18.57 10.76
C GLN A 729 20.04 -18.91 9.30
N ALA A 730 19.05 -19.34 8.49
CA ALA A 730 19.30 -19.68 7.12
C ALA A 730 19.70 -18.44 6.33
N ALA A 731 19.05 -17.30 6.61
CA ALA A 731 19.42 -16.07 5.92
C ALA A 731 20.83 -15.65 6.36
N ALA A 732 21.11 -15.74 7.67
CA ALA A 732 22.50 -15.47 8.13
C ALA A 732 23.52 -16.28 7.36
N GLU A 733 23.23 -17.60 7.21
CA GLU A 733 24.20 -18.47 6.57
C GLU A 733 24.46 -18.17 5.12
N THR A 734 23.55 -17.39 4.46
CA THR A 734 23.83 -17.01 3.08
C THR A 734 24.95 -15.96 3.02
N LEU A 735 25.26 -15.38 4.16
CA LEU A 735 26.32 -14.38 4.24
C LEU A 735 27.64 -14.99 4.73
N SER A 736 27.60 -16.24 5.22
CA SER A 736 28.88 -16.94 5.55
C SER A 736 29.78 -17.09 4.30
N GLU A 737 31.10 -17.34 4.50
CA GLU A 737 31.90 -17.72 3.34
C GLU A 737 31.27 -18.94 2.64
N VAL A 738 31.35 -18.91 1.35
CA VAL A 738 30.51 -19.76 0.50
C VAL A 738 31.05 -21.19 0.45
N ALA A 739 32.31 -21.36 0.86
CA ALA A 739 33.00 -22.69 0.77
C ALA A 739 34.39 -22.51 1.39
C1 NAG B . -0.47 14.91 -23.41
C2 NAG B . -1.53 15.54 -24.29
C3 NAG B . -1.59 14.77 -25.61
C4 NAG B . -0.24 14.75 -26.32
C5 NAG B . 0.81 14.26 -25.32
C6 NAG B . 2.21 14.36 -25.92
C7 NAG B . -3.39 16.43 -23.00
C8 NAG B . -4.70 16.12 -22.37
N2 NAG B . -2.82 15.42 -23.63
O3 NAG B . -2.53 15.42 -26.44
O4 NAG B . -0.29 13.78 -27.37
O5 NAG B . 0.76 15.00 -24.10
O6 NAG B . 2.55 15.70 -26.18
O7 NAG B . -2.87 17.53 -22.87
C1 NAG B . 0.21 14.34 -28.60
C2 NAG B . 0.53 13.18 -29.53
C3 NAG B . 0.90 13.70 -30.92
C4 NAG B . -0.16 14.67 -31.46
C5 NAG B . -0.29 15.77 -30.40
C6 NAG B . -1.25 16.88 -30.77
C7 NAG B . 1.55 11.24 -28.45
C8 NAG B . 2.84 10.57 -28.07
N2 NAG B . 1.67 12.41 -29.06
O3 NAG B . 1.04 12.57 -31.76
O4 NAG B . 0.19 15.18 -32.74
O5 NAG B . -0.78 15.11 -29.23
O6 NAG B . -2.55 16.32 -30.78
O7 NAG B . 0.47 10.73 -28.17
C1 NAG C . -35.72 7.31 -4.04
C2 NAG C . -36.95 8.24 -4.09
C3 NAG C . -38.18 7.38 -4.40
C4 NAG C . -37.96 6.45 -5.58
C5 NAG C . -36.59 5.72 -5.53
C6 NAG C . -36.28 4.96 -6.83
C7 NAG C . -36.85 10.18 -2.65
C8 NAG C . -37.10 10.80 -1.30
N2 NAG C . -37.15 8.91 -2.82
O3 NAG C . -39.22 8.27 -4.76
O4 NAG C . -39.05 5.53 -5.59
O5 NAG C . -35.56 6.65 -5.29
O6 NAG C . -36.10 5.83 -7.93
O7 NAG C . -36.36 10.85 -3.56
C1 NAG C . -39.57 5.45 -6.91
C2 NAG C . -40.34 4.13 -7.00
C3 NAG C . -41.05 4.02 -8.35
C4 NAG C . -41.81 5.30 -8.71
C5 NAG C . -40.81 6.45 -8.66
C6 NAG C . -41.37 7.77 -9.15
C7 NAG C . -39.13 2.44 -5.67
C8 NAG C . -38.16 1.30 -5.73
N2 NAG C . -39.41 3.02 -6.84
O3 NAG C . -41.95 2.94 -8.33
O4 NAG C . -42.44 5.15 -9.97
O5 NAG C . -40.38 6.55 -7.29
O6 NAG C . -42.35 8.18 -8.22
O7 NAG C . -39.61 2.79 -4.58
C1 NAG D . 27.06 5.50 3.49
C2 NAG D . 27.54 4.19 2.85
C3 NAG D . 28.55 3.61 3.83
C4 NAG D . 29.65 4.61 4.13
C5 NAG D . 29.06 5.89 4.72
C6 NAG D . 30.12 6.98 5.02
C7 NAG D . 26.09 2.80 1.55
C8 NAG D . 24.96 1.80 1.39
N2 NAG D . 26.44 3.25 2.71
O3 NAG D . 29.09 2.46 3.18
O4 NAG D . 30.47 4.05 5.11
O5 NAG D . 28.19 6.36 3.69
O6 NAG D . 30.80 7.26 3.79
O7 NAG D . 26.69 3.16 0.57
C1 NAG D . 31.85 4.14 4.70
C2 NAG D . 32.66 3.77 5.92
C3 NAG D . 34.15 3.67 5.61
C4 NAG D . 34.37 2.79 4.38
C5 NAG D . 33.51 3.42 3.27
C6 NAG D . 33.75 2.92 1.85
C7 NAG D . 31.66 4.36 7.99
C8 NAG D . 31.40 5.34 9.09
N2 NAG D . 32.42 4.75 6.98
O3 NAG D . 34.80 3.17 6.77
O4 NAG D . 35.70 2.88 3.94
O5 NAG D . 32.15 3.26 3.64
O6 NAG D . 33.82 1.52 1.92
O7 NAG D . 31.15 3.23 8.01
C1 BMA D . 36.57 1.80 4.37
C2 BMA D . 37.50 1.48 3.21
C3 BMA D . 38.38 0.28 3.57
C4 BMA D . 39.12 0.57 4.87
C5 BMA D . 38.22 1.10 5.97
C6 BMA D . 39.08 1.68 7.08
O2 BMA D . 38.31 2.64 2.96
O3 BMA D . 39.30 0.03 2.51
O4 BMA D . 39.70 -0.65 5.31
O5 BMA D . 37.35 2.15 5.53
O6 BMA D . 38.76 0.97 8.28
C1 NAG E . 23.88 -20.01 16.44
C2 NAG E . 22.99 -21.20 16.09
C3 NAG E . 23.43 -22.38 17.00
C4 NAG E . 24.91 -22.72 16.76
C5 NAG E . 25.77 -21.45 16.81
C6 NAG E . 27.17 -21.83 16.28
C7 NAG E . 20.60 -21.33 15.48
C8 NAG E . 19.21 -20.87 15.89
N2 NAG E . 21.58 -20.89 16.31
O3 NAG E . 22.67 -23.51 16.68
O4 NAG E . 25.43 -23.57 17.76
O5 NAG E . 25.17 -20.43 16.00
O6 NAG E . 28.19 -20.94 16.69
O7 NAG E . 20.82 -22.04 14.49
C1 NAG E . 25.10 -24.94 17.52
C2 NAG E . 26.28 -25.89 17.70
C3 NAG E . 25.83 -27.35 17.75
C4 NAG E . 24.69 -27.52 18.74
C5 NAG E . 23.59 -26.52 18.42
C6 NAG E . 22.51 -26.60 19.53
C7 NAG E . 28.42 -25.15 16.78
C8 NAG E . 28.84 -24.60 18.11
N2 NAG E . 27.24 -25.74 16.62
O3 NAG E . 26.95 -28.13 18.13
O4 NAG E . 24.09 -28.82 18.63
O5 NAG E . 24.15 -25.23 18.47
O6 NAG E . 21.25 -26.29 18.95
O7 NAG E . 29.20 -25.03 15.84
C1 BMA E . 24.75 -29.78 19.47
C2 BMA E . 23.70 -30.71 20.04
C3 BMA E . 24.32 -31.84 20.80
C4 BMA E . 25.40 -32.50 19.95
C5 BMA E . 26.40 -31.47 19.43
C6 BMA E . 27.40 -32.08 18.49
O2 BMA E . 22.87 -31.26 19.00
O3 BMA E . 23.22 -32.70 21.06
O4 BMA E . 26.05 -33.48 20.72
O5 BMA E . 25.67 -30.48 18.67
O6 BMA E . 28.22 -31.04 17.95
C1 MAN E . 23.42 -33.53 22.21
C2 MAN E . 22.08 -34.08 22.66
C3 MAN E . 21.23 -32.85 23.11
C4 MAN E . 21.96 -32.02 24.17
C5 MAN E . 23.35 -31.61 23.68
C6 MAN E . 24.16 -30.89 24.79
O2 MAN E . 22.44 -34.98 23.68
O3 MAN E . 19.92 -33.19 23.52
O4 MAN E . 21.30 -30.84 24.62
O5 MAN E . 24.03 -32.79 23.26
O6 MAN E . 24.84 -29.75 24.29
C1 NAG F . -27.69 -3.07 -16.17
C2 NAG F . -27.53 -4.48 -16.71
C3 NAG F . -28.55 -4.79 -17.81
C4 NAG F . -29.94 -4.16 -17.61
C5 NAG F . -29.86 -2.74 -17.07
C6 NAG F . -31.28 -2.14 -16.89
C7 NAG F . -25.27 -5.40 -16.77
C8 NAG F . -23.93 -5.37 -17.41
N2 NAG F . -26.19 -4.55 -17.24
O3 NAG F . -28.76 -6.16 -17.68
O4 NAG F . -30.72 -4.21 -18.81
O5 NAG F . -29.05 -2.74 -15.88
O6 NAG F . -31.74 -1.87 -15.57
O7 NAG F . -25.49 -6.18 -15.84
C1 NAG G . -26.42 -13.63 16.88
C2 NAG G . -26.30 -14.86 17.76
C3 NAG G . -26.45 -16.08 16.86
C4 NAG G . -27.83 -16.02 16.19
C5 NAG G . -27.85 -14.79 15.29
C6 NAG G . -29.11 -14.64 14.41
C7 NAG G . -24.97 -14.51 19.78
C8 NAG G . -23.63 -14.65 20.45
N2 NAG G . -25.05 -14.93 18.52
O3 NAG G . -26.33 -17.16 17.72
O4 NAG G . -28.17 -17.15 15.41
O5 NAG G . -27.63 -13.66 16.12
O6 NAG G . -30.35 -14.91 15.03
O7 NAG G . -25.91 -14.00 20.41
C1 NAG H . 1.22 23.44 3.19
C2 NAG H . -0.02 22.79 3.80
C3 NAG H . -0.75 23.71 4.84
C4 NAG H . 0.20 24.30 5.89
C5 NAG H . 1.43 24.87 5.16
C6 NAG H . 2.47 25.40 6.15
C7 NAG H . -1.26 21.02 2.70
C8 NAG H . -2.18 20.56 1.62
N2 NAG H . -0.89 22.31 2.74
O3 NAG H . -1.70 23.01 5.61
O4 NAG H . -0.44 25.30 6.74
O5 NAG H . 2.02 23.91 4.29
O6 NAG H . 2.76 24.42 7.14
O7 NAG H . -0.91 20.19 3.53
ZN ZN I . -2.36 4.67 -6.13
ZN ZN J . -5.39 4.57 -4.89
CL CL K . 4.59 4.98 -3.24
CA CA L . -2.76 -14.40 -11.80
O23 J96 M . -3.84 5.04 5.70
C12 J96 M . -2.63 5.21 5.56
N2 J96 M . -2.03 5.26 4.37
C11 J96 M . -2.58 4.53 3.21
C10 J96 M . -3.68 5.22 2.41
C9 J96 M . -3.32 5.56 0.94
C8 J96 M . -3.27 4.28 0.14
C1 J96 M . -2.68 4.31 -1.28
N J96 M . -2.92 2.99 -1.82
C2 J96 M . -4.04 2.64 -2.49
O6 J96 M . -4.98 3.45 -2.66
N1 J96 M . -4.08 1.43 -3.07
C3 J96 M . -5.42 0.90 -3.35
C7 J96 M . -6.30 1.08 -2.12
O5 J96 M . -5.90 1.17 -0.93
O4 J96 M . -7.61 1.17 -2.37
C4 J96 M . -5.44 -0.61 -3.73
C5 J96 M . -4.73 -1.38 -2.58
C6 J96 M . -4.90 -2.87 -2.65
O3 J96 M . -4.12 -3.66 -2.06
O2 J96 M . -5.89 -3.39 -3.29
C J96 M . -1.18 4.50 -1.21
O1 J96 M . -0.44 3.53 -1.00
O J96 M . -0.69 5.66 -1.47
#